data_5H7N
#
_entry.id   5H7N
#
_cell.length_a   42.540
_cell.length_b   104.550
_cell.length_c   110.940
_cell.angle_alpha   90.00
_cell.angle_beta   98.95
_cell.angle_gamma   90.00
#
_symmetry.space_group_name_H-M   'P 1 21 1'
#
loop_
_entity.id
_entity.type
_entity.pdbx_description
1 polymer 'NLRP12-PYD with MBP tag'
2 branched alpha-D-glucopyranose-(1-4)-alpha-D-glucopyranose-(1-4)-alpha-D-glucopyranose-(1-4)-alpha-D-glucopyranose
3 non-polymer 'SULFATE ION'
4 non-polymer 1,2-ETHANEDIOL
5 non-polymer DI(HYDROXYETHYL)ETHER
6 water water
#
_entity_poly.entity_id   1
_entity_poly.type   'polypeptide(L)'
_entity_poly.pdbx_seq_one_letter_code
;MKIEEGKLVIWINGDKGYNGLAEVGKKFEKDTGIKVTVEHPDKLEEKFPQVAATGDGPDIIFWAHDRFGGYAQSGLLAEI
TPAAAFQDKLYPFTWDAVRYNGKLIAYPIAVEALSLIYNKDLLPNPPKTWEEIPALDKELKAKGKSALMFNLQEPYFTWP
LIAADGGYAFKYAAGKYDIKDVGVDNAGAKAGLTFLVDLIKNKHMNADTDYSIAEAAFNKGETAMTINGPWAWSNIDTSA
VNYGVTVLPTFKGQPSKPFVGVLSAGINAASPNKELAKEFLENYLLTDEGLEAVNKDKPLGAVALKSYEEELAKDPRIAA
TMENAQKGEIMPNIPQMSAFWYAVRTAVINAASGRQTVDAALAAAQTNAARAAALCRLSTYLEELEAVELKKFKLYLGTA
TELGEGKIPWGSMEKAGPLEMAQLLITHFGPEEAWRLALSTFERINRKDLWERGQREDLVRDTPPGGPSSLEHHHHHH
;
_entity_poly.pdbx_strand_id   A,B
#
loop_
_chem_comp.id
_chem_comp.type
_chem_comp.name
_chem_comp.formula
EDO non-polymer 1,2-ETHANEDIOL 'C2 H6 O2'
GLC D-saccharide, alpha linking alpha-D-glucopyranose 'C6 H12 O6'
PEG non-polymer DI(HYDROXYETHYL)ETHER 'C4 H10 O3'
SO4 non-polymer 'SULFATE ION' 'O4 S -2'
#
# COMPACT_ATOMS: atom_id res chain seq x y z
N LYS A 2 -7.97 22.09 -12.48
CA LYS A 2 -8.97 22.43 -13.50
C LYS A 2 -9.49 21.14 -14.14
N ILE A 3 -8.93 20.72 -15.28
CA ILE A 3 -9.35 19.48 -15.94
C ILE A 3 -10.87 19.55 -16.15
N GLU A 4 -11.34 20.60 -16.78
CA GLU A 4 -12.76 20.68 -17.02
C GLU A 4 -13.06 20.06 -18.38
N GLU A 5 -14.17 19.35 -18.46
CA GLU A 5 -14.61 18.76 -19.71
C GLU A 5 -15.06 19.85 -20.68
N GLY A 6 -14.81 19.62 -21.97
CA GLY A 6 -15.17 20.56 -23.01
C GLY A 6 -14.24 21.72 -23.22
N LYS A 7 -13.06 21.69 -22.59
CA LYS A 7 -11.97 22.63 -22.76
C LYS A 7 -10.68 21.82 -22.81
N LEU A 8 -9.68 22.28 -23.58
CA LEU A 8 -8.33 21.71 -23.53
C LEU A 8 -7.41 22.70 -22.82
N VAL A 9 -6.62 22.22 -21.85
CA VAL A 9 -5.48 22.97 -21.27
C VAL A 9 -4.20 22.29 -21.74
N ILE A 10 -3.27 23.09 -22.26
CA ILE A 10 -1.99 22.55 -22.76
C ILE A 10 -0.86 23.21 -21.99
N TRP A 11 0.14 22.42 -21.58
CA TRP A 11 1.36 23.00 -21.03
C TRP A 11 2.52 22.76 -21.99
N ILE A 12 3.35 23.78 -22.21
CA ILE A 12 4.53 23.71 -23.07
C ILE A 12 5.57 24.63 -22.46
N ASN A 13 6.87 24.27 -22.57
CA ASN A 13 7.92 25.07 -21.96
C ASN A 13 7.99 26.49 -22.53
N GLY A 14 8.46 27.43 -21.72
CA GLY A 14 8.42 28.83 -22.15
C GLY A 14 9.47 29.21 -23.19
N ASP A 15 10.39 28.31 -23.55
CA ASP A 15 11.32 28.63 -24.65
C ASP A 15 10.79 28.17 -25.99
N LYS A 16 9.59 27.58 -26.04
CA LYS A 16 9.00 27.06 -27.26
C LYS A 16 8.04 28.09 -27.83
N GLY A 17 7.48 27.78 -29.00
CA GLY A 17 6.61 28.72 -29.68
C GLY A 17 5.17 28.67 -29.21
N TYR A 18 4.91 29.10 -27.97
CA TYR A 18 3.59 28.84 -27.40
C TYR A 18 2.53 29.81 -27.96
N ASN A 19 2.95 30.98 -28.45
CA ASN A 19 1.97 31.87 -29.09
C ASN A 19 1.51 31.32 -30.42
N GLY A 20 2.42 30.71 -31.18
CA GLY A 20 2.02 29.97 -32.36
C GLY A 20 1.11 28.80 -32.05
N LEU A 21 1.43 28.02 -30.98
CA LEU A 21 0.51 26.93 -30.64
C LEU A 21 -0.85 27.49 -30.22
N ALA A 22 -0.89 28.63 -29.50
CA ALA A 22 -2.19 29.23 -29.16
C ALA A 22 -2.99 29.59 -30.40
N GLU A 23 -2.32 30.02 -31.47
CA GLU A 23 -3.00 30.25 -32.73
C GLU A 23 -3.61 28.97 -33.29
N VAL A 24 -2.92 27.84 -33.17
CA VAL A 24 -3.54 26.58 -33.58
C VAL A 24 -4.75 26.27 -32.69
N GLY A 25 -4.66 26.61 -31.41
CA GLY A 25 -5.81 26.44 -30.53
C GLY A 25 -7.02 27.28 -30.94
N LYS A 26 -6.80 28.50 -31.45
CA LYS A 26 -7.95 29.34 -31.81
C LYS A 26 -8.65 28.81 -33.04
N LYS A 27 -7.89 28.23 -33.97
CA LYS A 27 -8.49 27.56 -35.11
C LYS A 27 -9.31 26.37 -34.66
N PHE A 28 -8.82 25.63 -33.66
CA PHE A 28 -9.61 24.52 -33.13
C PHE A 28 -10.91 25.05 -32.52
N GLU A 29 -10.82 26.13 -31.76
CA GLU A 29 -12.01 26.70 -31.14
C GLU A 29 -13.00 27.19 -32.18
N LYS A 30 -12.50 27.90 -33.21
CA LYS A 30 -13.39 28.37 -34.29
C LYS A 30 -14.11 27.20 -34.93
N ASP A 31 -13.38 26.13 -35.23
CA ASP A 31 -13.97 25.02 -35.97
C ASP A 31 -14.87 24.14 -35.11
N THR A 32 -14.64 24.08 -33.79
CA THR A 32 -15.32 23.12 -32.94
C THR A 32 -16.05 23.74 -31.77
N GLY A 33 -15.80 25.00 -31.45
CA GLY A 33 -16.33 25.59 -30.23
C GLY A 33 -15.58 25.26 -28.96
N ILE A 34 -14.55 24.44 -29.02
CA ILE A 34 -13.78 24.02 -27.85
C ILE A 34 -12.66 25.04 -27.59
N LYS A 35 -12.71 25.70 -26.42
CA LYS A 35 -11.62 26.60 -26.03
C LYS A 35 -10.36 25.78 -25.74
N VAL A 36 -9.21 26.33 -26.11
CA VAL A 36 -7.89 25.73 -25.89
C VAL A 36 -7.09 26.78 -25.12
N THR A 37 -6.56 26.42 -23.97
CA THR A 37 -5.73 27.36 -23.22
C THR A 37 -4.29 26.85 -23.22
N VAL A 38 -3.36 27.64 -23.73
CA VAL A 38 -1.95 27.26 -23.69
C VAL A 38 -1.31 28.00 -22.53
N GLU A 39 -0.62 27.27 -21.65
CA GLU A 39 0.15 27.84 -20.54
C GLU A 39 1.59 27.39 -20.63
N HIS A 40 2.50 28.15 -20.01
CA HIS A 40 3.90 27.74 -19.90
C HIS A 40 4.40 27.92 -18.48
N PRO A 41 3.96 27.08 -17.56
CA PRO A 41 4.46 27.14 -16.18
C PRO A 41 5.94 26.89 -16.08
N ASP A 42 6.57 27.55 -15.12
CA ASP A 42 7.93 27.17 -14.79
C ASP A 42 7.96 25.76 -14.16
N LYS A 43 9.04 25.04 -14.46
CA LYS A 43 9.23 23.67 -13.98
C LYS A 43 8.03 22.79 -14.30
N LEU A 44 7.38 23.04 -15.44
CA LEU A 44 6.19 22.27 -15.79
C LEU A 44 6.48 20.79 -15.76
N GLU A 45 7.72 20.38 -16.05
CA GLU A 45 8.02 18.97 -16.16
C GLU A 45 8.15 18.32 -14.79
N GLU A 46 8.34 19.12 -13.73
CA GLU A 46 8.30 18.58 -12.36
C GLU A 46 6.92 18.71 -11.73
N LYS A 47 6.17 19.72 -12.15
CA LYS A 47 4.82 19.91 -11.67
C LYS A 47 3.87 18.89 -12.27
N PHE A 48 4.04 18.57 -13.54
CA PHE A 48 3.11 17.61 -14.14
C PHE A 48 3.01 16.34 -13.32
N PRO A 49 4.09 15.61 -12.98
CA PRO A 49 3.87 14.38 -12.21
C PRO A 49 3.17 14.64 -10.86
N GLN A 50 3.40 15.78 -10.21
CA GLN A 50 2.78 16.01 -8.90
C GLN A 50 1.28 16.20 -9.04
N VAL A 51 0.85 17.02 -10.00
CA VAL A 51 -0.58 17.31 -10.13
C VAL A 51 -1.29 16.22 -10.89
N ALA A 52 -0.64 15.54 -11.83
CA ALA A 52 -1.38 14.50 -12.54
C ALA A 52 -1.63 13.29 -11.64
N ALA A 53 -0.75 13.05 -10.69
CA ALA A 53 -0.98 11.92 -9.80
C ALA A 53 -2.15 12.18 -8.87
N THR A 54 -2.65 13.42 -8.80
CA THR A 54 -3.90 13.70 -8.07
C THR A 54 -5.11 13.63 -8.97
N GLY A 55 -4.96 13.26 -10.22
CA GLY A 55 -6.04 13.35 -11.17
C GLY A 55 -6.26 14.74 -11.76
N ASP A 56 -5.30 15.66 -11.63
CA ASP A 56 -5.45 17.01 -12.19
C ASP A 56 -4.38 17.26 -13.25
N GLY A 57 -4.12 18.54 -13.56
CA GLY A 57 -3.09 18.92 -14.53
C GLY A 57 -3.63 19.30 -15.89
N PRO A 58 -2.75 19.53 -16.86
CA PRO A 58 -3.23 19.92 -18.18
C PRO A 58 -3.81 18.70 -18.86
N ASP A 59 -4.61 18.92 -19.88
CA ASP A 59 -5.01 17.77 -20.72
C ASP A 59 -3.83 17.23 -21.54
N ILE A 60 -2.98 18.13 -22.01
CA ILE A 60 -1.85 17.77 -22.90
C ILE A 60 -0.58 18.38 -22.34
N ILE A 61 0.50 17.60 -22.29
CA ILE A 61 1.79 18.10 -21.83
C ILE A 61 2.84 17.91 -22.93
N PHE A 62 3.59 18.98 -23.20
CA PHE A 62 4.70 18.98 -24.17
C PHE A 62 6.00 19.00 -23.41
N TRP A 63 6.92 18.09 -23.76
CA TRP A 63 8.30 18.12 -23.28
C TRP A 63 9.10 17.25 -24.24
N ALA A 64 10.40 17.35 -24.16
CA ALA A 64 11.21 16.30 -24.82
C ALA A 64 10.87 14.92 -24.29
N HIS A 65 11.04 13.91 -25.16
CA HIS A 65 10.58 12.56 -24.87
C HIS A 65 11.27 11.92 -23.67
N ASP A 66 12.45 12.42 -23.21
CA ASP A 66 13.13 11.69 -22.13
C ASP A 66 12.33 11.65 -20.81
N ARG A 67 11.44 12.63 -20.58
CA ARG A 67 10.63 12.68 -19.34
C ARG A 67 9.47 11.68 -19.36
N PHE A 68 9.10 11.19 -20.54
CA PHE A 68 7.79 10.56 -20.65
C PHE A 68 7.81 9.14 -20.11
N GLY A 69 8.94 8.41 -20.15
CA GLY A 69 8.94 7.08 -19.57
C GLY A 69 8.56 7.09 -18.09
N GLY A 70 9.09 8.05 -17.35
CA GLY A 70 8.75 8.12 -15.95
C GLY A 70 7.30 8.47 -15.73
N TYR A 71 6.75 9.39 -16.53
CA TYR A 71 5.31 9.65 -16.46
C TYR A 71 4.49 8.42 -16.78
N ALA A 72 4.91 7.69 -17.81
CA ALA A 72 4.13 6.52 -18.21
C ALA A 72 4.24 5.43 -17.16
N GLN A 73 5.45 5.22 -16.62
CA GLN A 73 5.64 4.18 -15.57
C GLN A 73 4.77 4.47 -14.35
N SER A 74 4.60 5.75 -14.00
CA SER A 74 3.72 6.13 -12.91
C SER A 74 2.23 6.18 -13.29
N GLY A 75 1.86 5.73 -14.49
CA GLY A 75 0.46 5.75 -14.87
C GLY A 75 -0.13 7.09 -15.25
N LEU A 76 0.67 8.12 -15.60
CA LEU A 76 0.09 9.45 -15.79
C LEU A 76 -0.27 9.78 -17.23
N LEU A 77 -0.05 8.87 -18.17
CA LEU A 77 -0.23 9.17 -19.57
C LEU A 77 -1.20 8.17 -20.19
N ALA A 78 -2.10 8.65 -21.03
CA ALA A 78 -2.99 7.75 -21.74
C ALA A 78 -2.21 7.13 -22.88
N GLU A 79 -2.46 5.87 -23.18
CA GLU A 79 -1.87 5.30 -24.39
C GLU A 79 -2.52 5.94 -25.60
N ILE A 80 -1.73 6.30 -26.63
CA ILE A 80 -2.40 6.96 -27.75
C ILE A 80 -2.66 5.94 -28.84
N THR A 81 -3.65 6.22 -29.68
CA THR A 81 -4.21 5.20 -30.58
C THR A 81 -4.27 5.72 -32.00
N PRO A 82 -3.14 6.15 -32.57
CA PRO A 82 -3.19 6.63 -33.94
C PRO A 82 -3.44 5.45 -34.88
N ALA A 83 -4.36 5.62 -35.82
CA ALA A 83 -4.56 4.65 -36.88
C ALA A 83 -3.32 4.54 -37.79
N ALA A 84 -3.22 3.39 -38.48
CA ALA A 84 -2.05 3.12 -39.33
C ALA A 84 -1.81 4.26 -40.31
N ALA A 85 -2.87 4.78 -40.90
CA ALA A 85 -2.72 5.88 -41.84
C ALA A 85 -2.10 7.09 -41.19
N PHE A 86 -2.44 7.36 -39.92
CA PHE A 86 -1.84 8.53 -39.32
C PHE A 86 -0.38 8.27 -38.96
N GLN A 87 -0.05 7.06 -38.51
CA GLN A 87 1.33 6.72 -38.18
C GLN A 87 2.27 6.89 -39.34
N ASP A 88 1.82 6.53 -40.54
CA ASP A 88 2.65 6.69 -41.72
C ASP A 88 2.98 8.14 -42.02
N LYS A 89 2.26 9.11 -41.41
CA LYS A 89 2.61 10.50 -41.66
C LYS A 89 3.87 10.95 -40.93
N LEU A 90 4.38 10.19 -39.95
CA LEU A 90 5.53 10.63 -39.15
C LEU A 90 6.69 9.67 -39.33
N TYR A 91 7.90 10.16 -39.14
CA TYR A 91 9.05 9.29 -39.32
C TYR A 91 9.02 8.15 -38.31
N PRO A 92 9.52 6.98 -38.69
CA PRO A 92 9.53 5.84 -37.74
C PRO A 92 10.43 6.06 -36.55
N PHE A 93 11.57 6.75 -36.70
CA PHE A 93 12.36 6.89 -35.49
C PHE A 93 11.71 7.84 -34.48
N THR A 94 10.82 8.71 -34.92
CA THR A 94 10.21 9.60 -33.92
C THR A 94 9.16 8.84 -33.11
N TRP A 95 8.46 7.89 -33.74
CA TRP A 95 7.55 7.01 -32.99
C TRP A 95 8.31 6.15 -31.99
N ASP A 96 9.52 5.69 -32.36
CA ASP A 96 10.30 4.90 -31.41
C ASP A 96 10.61 5.72 -30.16
N ALA A 97 10.87 7.02 -30.32
CA ALA A 97 11.25 7.82 -29.14
C ALA A 97 10.10 7.92 -28.12
N VAL A 98 8.85 7.70 -28.54
CA VAL A 98 7.69 7.80 -27.65
C VAL A 98 7.07 6.43 -27.36
N ARG A 99 7.83 5.38 -27.51
CA ARG A 99 7.37 4.04 -27.19
C ARG A 99 7.96 3.65 -25.84
N TYR A 100 7.10 3.17 -24.93
CA TYR A 100 7.54 2.75 -23.60
C TYR A 100 6.81 1.47 -23.26
N ASN A 101 7.57 0.43 -22.91
CA ASN A 101 7.00 -0.89 -22.61
C ASN A 101 6.06 -1.32 -23.71
N GLY A 102 6.46 -1.05 -24.95
CA GLY A 102 5.71 -1.49 -26.12
C GLY A 102 4.53 -0.64 -26.53
N LYS A 103 4.21 0.42 -25.81
CA LYS A 103 3.01 1.21 -26.10
C LYS A 103 3.42 2.60 -26.51
N LEU A 104 2.67 3.22 -27.40
CA LEU A 104 2.88 4.63 -27.74
C LEU A 104 2.30 5.48 -26.62
N ILE A 105 3.12 6.38 -26.06
CA ILE A 105 2.69 7.17 -24.91
C ILE A 105 2.66 8.65 -25.18
N ALA A 106 2.98 9.09 -26.40
CA ALA A 106 2.90 10.51 -26.76
C ALA A 106 2.92 10.62 -28.28
N TYR A 107 2.55 11.79 -28.80
CA TYR A 107 2.70 12.15 -30.22
C TYR A 107 4.04 12.83 -30.39
N PRO A 108 4.93 12.35 -31.25
CA PRO A 108 6.19 13.07 -31.47
C PRO A 108 5.92 14.26 -32.36
N ILE A 109 6.63 15.36 -32.09
CA ILE A 109 6.41 16.60 -32.82
C ILE A 109 7.64 16.98 -33.65
N ALA A 110 8.80 17.01 -33.04
CA ALA A 110 9.96 17.61 -33.70
C ALA A 110 11.24 17.11 -33.08
N VAL A 111 12.30 17.05 -33.87
CA VAL A 111 13.55 16.49 -33.41
C VAL A 111 14.49 17.66 -33.15
N GLU A 112 15.02 17.72 -31.95
CA GLU A 112 15.84 18.85 -31.51
C GLU A 112 17.27 18.36 -31.32
N ALA A 113 18.23 19.07 -31.88
CA ALA A 113 19.58 18.86 -31.42
C ALA A 113 20.30 20.20 -31.34
N LEU A 114 21.25 20.27 -30.42
CA LEU A 114 22.08 21.45 -30.28
C LEU A 114 23.07 21.54 -31.46
N SER A 115 23.29 22.77 -31.90
CA SER A 115 24.29 23.11 -32.92
C SER A 115 25.22 24.20 -32.41
N LEU A 116 26.35 24.38 -33.11
CA LEU A 116 27.20 25.55 -32.90
C LEU A 116 26.64 26.69 -33.72
N ILE A 117 26.27 27.81 -33.05
CA ILE A 117 25.69 28.97 -33.72
C ILE A 117 26.76 30.04 -33.71
N TYR A 118 26.95 30.73 -34.86
CA TYR A 118 28.08 31.65 -34.91
C TYR A 118 27.75 32.89 -35.73
N ASN A 119 28.42 33.97 -35.35
CA ASN A 119 28.20 35.29 -35.90
C ASN A 119 29.11 35.41 -37.13
N LYS A 120 28.55 35.52 -38.32
CA LYS A 120 29.41 35.41 -39.51
C LYS A 120 30.33 36.62 -39.66
N ASP A 121 29.89 37.80 -39.19
CA ASP A 121 30.70 39.01 -39.35
C ASP A 121 31.91 38.97 -38.42
N LEU A 122 31.77 38.42 -37.22
CA LEU A 122 32.90 38.31 -36.33
C LEU A 122 33.76 37.10 -36.62
N LEU A 123 33.21 36.07 -37.27
CA LEU A 123 33.91 34.80 -37.37
C LEU A 123 33.45 34.09 -38.62
N PRO A 124 34.04 34.40 -39.78
CA PRO A 124 33.49 33.82 -41.00
C PRO A 124 33.80 32.35 -41.09
N ASN A 125 34.79 31.87 -40.35
CA ASN A 125 35.17 30.46 -40.33
C ASN A 125 35.15 29.94 -38.90
N PRO A 126 34.08 29.30 -38.48
CA PRO A 126 34.02 28.83 -37.09
C PRO A 126 35.00 27.69 -36.87
N PRO A 127 35.44 27.48 -35.61
CA PRO A 127 36.40 26.41 -35.31
C PRO A 127 35.84 25.02 -35.53
N LYS A 128 36.72 24.11 -35.93
CA LYS A 128 36.33 22.72 -36.04
C LYS A 128 36.53 21.96 -34.73
N THR A 129 37.33 22.52 -33.80
CA THR A 129 37.74 21.79 -32.62
C THR A 129 37.45 22.64 -31.39
N TRP A 130 37.18 21.96 -30.26
CA TRP A 130 37.15 22.63 -28.97
C TRP A 130 38.52 23.21 -28.62
N GLU A 131 39.58 22.46 -28.97
CA GLU A 131 40.92 22.77 -28.48
C GLU A 131 41.45 24.10 -28.98
N GLU A 132 40.94 24.60 -30.09
CA GLU A 132 41.40 25.87 -30.60
C GLU A 132 40.61 27.04 -30.04
N ILE A 133 39.64 26.78 -29.17
CA ILE A 133 38.78 27.88 -28.74
C ILE A 133 39.54 28.80 -27.78
N PRO A 134 40.42 28.32 -26.92
CA PRO A 134 41.19 29.30 -26.10
C PRO A 134 42.00 30.26 -26.96
N ALA A 135 42.81 29.77 -27.91
CA ALA A 135 43.51 30.69 -28.81
C ALA A 135 42.54 31.61 -29.53
N LEU A 136 41.37 31.10 -29.93
CA LEU A 136 40.44 31.99 -30.64
C LEU A 136 39.85 33.03 -29.71
N ASP A 137 39.67 32.71 -28.42
CA ASP A 137 39.17 33.71 -27.48
C ASP A 137 40.24 34.75 -27.16
N LYS A 138 41.49 34.32 -27.00
CA LYS A 138 42.57 35.29 -26.81
C LYS A 138 42.59 36.34 -27.92
N GLU A 139 42.19 35.98 -29.15
CA GLU A 139 42.13 36.94 -30.26
C GLU A 139 40.94 37.87 -30.12
N LEU A 140 39.77 37.31 -29.82
CA LEU A 140 38.59 38.16 -29.76
C LEU A 140 38.62 39.08 -28.53
N LYS A 141 39.29 38.67 -27.45
CA LYS A 141 39.37 39.57 -26.29
C LYS A 141 40.03 40.91 -26.69
N ALA A 142 41.24 40.82 -27.28
CA ALA A 142 41.91 42.00 -27.85
C ALA A 142 40.98 42.86 -28.70
N LYS A 143 40.03 42.24 -29.41
CA LYS A 143 39.08 43.04 -30.16
C LYS A 143 37.89 43.50 -29.31
N GLY A 144 37.87 43.18 -28.02
CA GLY A 144 36.72 43.55 -27.20
C GLY A 144 35.56 42.58 -27.25
N LYS A 145 35.77 41.34 -27.69
CA LYS A 145 34.71 40.36 -27.77
C LYS A 145 35.12 39.10 -27.05
N SER A 146 34.29 38.05 -27.12
CA SER A 146 34.65 36.75 -26.58
C SER A 146 34.27 35.69 -27.60
N ALA A 147 34.88 34.52 -27.47
CA ALA A 147 34.70 33.47 -28.48
C ALA A 147 33.36 32.76 -28.30
N LEU A 148 33.02 32.39 -27.07
CA LEU A 148 31.97 31.41 -26.85
C LEU A 148 31.27 31.66 -25.53
N MET A 149 29.95 31.90 -25.59
CA MET A 149 29.08 31.82 -24.41
C MET A 149 27.87 30.92 -24.66
N PHE A 150 27.64 30.03 -23.71
CA PHE A 150 26.42 29.22 -23.71
C PHE A 150 26.08 28.85 -22.27
N ASN A 151 24.86 28.35 -22.08
CA ASN A 151 24.32 27.99 -20.77
C ASN A 151 25.13 26.92 -20.05
N LEU A 152 25.87 27.29 -19.02
CA LEU A 152 26.57 26.27 -18.25
C LEU A 152 25.74 25.73 -17.07
N GLN A 153 24.54 26.25 -16.84
CA GLN A 153 23.73 25.81 -15.70
C GLN A 153 22.91 24.55 -15.97
N GLU A 154 22.66 24.17 -17.24
CA GLU A 154 21.84 23.00 -17.55
C GLU A 154 22.70 21.97 -18.25
N PRO A 155 22.77 20.74 -17.75
CA PRO A 155 23.75 19.79 -18.30
C PRO A 155 23.47 19.41 -19.75
N TYR A 156 22.26 19.69 -20.24
CA TYR A 156 21.93 19.45 -21.65
C TYR A 156 22.93 20.12 -22.58
N PHE A 157 23.39 21.32 -22.23
CA PHE A 157 24.30 22.10 -23.05
C PHE A 157 25.77 21.67 -22.89
N THR A 158 26.20 21.14 -21.75
CA THR A 158 27.56 20.70 -21.56
C THR A 158 27.74 19.22 -21.85
N TRP A 159 26.65 18.46 -21.87
CA TRP A 159 26.78 17.04 -22.17
C TRP A 159 27.48 16.75 -23.51
N PRO A 160 27.27 17.51 -24.60
CA PRO A 160 27.96 17.15 -25.88
C PRO A 160 29.44 16.98 -25.72
N LEU A 161 30.05 17.86 -24.94
CA LEU A 161 31.50 17.80 -24.74
C LEU A 161 31.92 16.70 -23.79
N ILE A 162 31.15 16.48 -22.72
CA ILE A 162 31.44 15.41 -21.76
C ILE A 162 31.37 14.05 -22.43
N ALA A 163 30.46 13.88 -23.36
CA ALA A 163 30.30 12.59 -24.02
C ALA A 163 31.26 12.39 -25.20
N ALA A 164 31.85 13.47 -25.74
CA ALA A 164 32.61 13.38 -27.01
C ALA A 164 33.66 12.26 -26.95
N ASP A 165 34.43 12.20 -25.86
CA ASP A 165 35.50 11.22 -25.71
C ASP A 165 35.11 10.03 -24.85
N GLY A 166 33.81 9.84 -24.56
CA GLY A 166 33.45 8.58 -23.89
C GLY A 166 32.38 8.61 -22.82
N GLY A 167 32.01 9.79 -22.32
CA GLY A 167 30.97 9.86 -21.31
C GLY A 167 29.66 9.28 -21.85
N TYR A 168 28.91 8.60 -20.98
CA TYR A 168 27.58 8.14 -21.36
C TYR A 168 26.67 8.13 -20.13
N ALA A 169 25.35 8.12 -20.37
CA ALA A 169 24.44 8.06 -19.23
C ALA A 169 24.37 6.66 -18.66
N PHE A 170 23.63 5.77 -19.33
CA PHE A 170 23.48 4.38 -18.94
C PHE A 170 23.93 3.49 -20.11
N LYS A 171 24.68 2.43 -19.82
CA LYS A 171 25.23 1.64 -20.93
C LYS A 171 24.08 0.95 -21.65
N TYR A 172 24.10 0.98 -22.98
CA TYR A 172 23.05 0.39 -23.80
C TYR A 172 23.60 -0.87 -24.44
N ALA A 173 22.85 -1.97 -24.38
CA ALA A 173 23.18 -3.17 -25.17
C ALA A 173 21.94 -4.05 -25.32
N ALA A 174 21.87 -4.78 -26.42
CA ALA A 174 20.79 -5.75 -26.59
C ALA A 174 19.42 -5.08 -26.46
N GLY A 175 19.32 -3.82 -26.91
CA GLY A 175 18.08 -3.05 -26.83
C GLY A 175 17.66 -2.60 -25.44
N LYS A 176 18.50 -2.72 -24.42
CA LYS A 176 18.07 -2.27 -23.12
C LYS A 176 19.22 -1.58 -22.39
N TYR A 177 18.85 -0.62 -21.56
CA TYR A 177 19.78 0.19 -20.79
C TYR A 177 20.06 -0.42 -19.44
N ASP A 178 21.33 -0.50 -19.09
CA ASP A 178 21.77 -1.03 -17.80
C ASP A 178 21.84 0.11 -16.78
N ILE A 179 20.84 0.21 -15.90
CA ILE A 179 20.85 1.32 -14.95
C ILE A 179 21.94 1.20 -13.88
N LYS A 180 22.66 0.08 -13.82
CA LYS A 180 23.79 -0.01 -12.89
C LYS A 180 25.09 0.48 -13.50
N ASP A 181 25.16 0.56 -14.82
CA ASP A 181 26.38 0.95 -15.54
C ASP A 181 26.25 2.41 -15.98
N VAL A 182 26.67 3.35 -15.10
CA VAL A 182 26.54 4.78 -15.35
C VAL A 182 27.90 5.31 -15.78
N GLY A 183 27.92 6.11 -16.86
CA GLY A 183 29.19 6.50 -17.45
C GLY A 183 29.60 7.94 -17.24
N VAL A 184 29.26 8.56 -16.11
CA VAL A 184 29.63 9.95 -15.95
C VAL A 184 31.00 10.11 -15.32
N ASP A 185 31.64 9.03 -14.90
CA ASP A 185 32.93 9.11 -14.20
C ASP A 185 34.04 8.34 -14.92
N ASN A 186 33.94 8.14 -16.24
CA ASN A 186 34.98 7.39 -16.94
C ASN A 186 36.03 8.38 -17.44
N ALA A 187 37.10 7.87 -18.05
CA ALA A 187 38.20 8.76 -18.48
C ALA A 187 37.73 9.83 -19.47
N GLY A 188 36.81 9.48 -20.37
CA GLY A 188 36.40 10.43 -21.39
C GLY A 188 35.54 11.56 -20.86
N ALA A 189 34.71 11.27 -19.83
CA ALA A 189 33.90 12.30 -19.20
C ALA A 189 34.75 13.26 -18.38
N LYS A 190 35.64 12.71 -17.57
CA LYS A 190 36.67 13.48 -16.88
C LYS A 190 37.42 14.39 -17.83
N ALA A 191 37.79 13.89 -19.00
CA ALA A 191 38.55 14.73 -19.93
C ALA A 191 37.71 15.89 -20.45
N GLY A 192 36.45 15.62 -20.83
CA GLY A 192 35.59 16.69 -21.34
C GLY A 192 35.28 17.74 -20.29
N LEU A 193 34.91 17.31 -19.07
CA LEU A 193 34.59 18.32 -18.05
C LEU A 193 35.85 19.05 -17.61
N THR A 194 37.00 18.36 -17.56
CA THR A 194 38.23 19.07 -17.26
C THR A 194 38.51 20.16 -18.29
N PHE A 195 38.23 19.87 -19.56
CA PHE A 195 38.41 20.89 -20.57
C PHE A 195 37.49 22.07 -20.31
N LEU A 196 36.21 21.80 -19.98
CA LEU A 196 35.30 22.90 -19.71
C LEU A 196 35.79 23.75 -18.54
N VAL A 197 36.30 23.12 -17.50
CA VAL A 197 36.67 23.91 -16.30
C VAL A 197 37.96 24.70 -16.55
N ASP A 198 38.94 24.09 -17.26
CA ASP A 198 40.11 24.83 -17.76
C ASP A 198 39.72 26.07 -18.56
N LEU A 199 38.72 25.95 -19.44
CA LEU A 199 38.19 27.15 -20.12
C LEU A 199 37.72 28.22 -19.14
N ILE A 200 37.24 27.80 -17.98
CA ILE A 200 36.73 28.78 -17.02
C ILE A 200 37.88 29.33 -16.18
N LYS A 201 38.75 28.44 -15.72
CA LYS A 201 39.90 28.90 -14.96
C LYS A 201 40.87 29.72 -15.80
N ASN A 202 40.89 29.55 -17.11
CA ASN A 202 41.69 30.43 -17.95
C ASN A 202 40.96 31.68 -18.42
N LYS A 203 39.77 31.98 -17.87
CA LYS A 203 39.02 33.21 -18.14
C LYS A 203 38.48 33.28 -19.58
N HIS A 204 38.34 32.15 -20.26
CA HIS A 204 37.59 32.14 -21.51
C HIS A 204 36.08 31.98 -21.33
N MET A 205 35.60 31.54 -20.17
CA MET A 205 34.17 31.51 -19.91
C MET A 205 33.95 31.79 -18.42
N ASN A 206 32.74 32.23 -18.09
CA ASN A 206 32.35 32.50 -16.70
C ASN A 206 31.44 31.39 -16.19
N ALA A 207 31.78 30.83 -15.02
CA ALA A 207 31.00 29.70 -14.50
C ALA A 207 29.52 30.01 -14.33
N ASP A 208 29.12 31.27 -14.27
CA ASP A 208 27.73 31.58 -13.97
C ASP A 208 26.95 31.98 -15.20
N THR A 209 27.51 31.87 -16.40
CA THR A 209 26.72 32.14 -17.58
C THR A 209 25.55 31.17 -17.63
N ASP A 210 24.38 31.69 -17.97
CA ASP A 210 23.20 30.84 -18.03
C ASP A 210 22.51 31.10 -19.37
N TYR A 211 21.25 30.69 -19.53
CA TYR A 211 20.60 30.83 -20.84
C TYR A 211 20.44 32.29 -21.25
N SER A 212 19.90 33.14 -20.36
CA SER A 212 19.55 34.47 -20.82
C SER A 212 20.82 35.31 -21.06
N ILE A 213 21.87 35.06 -20.28
CA ILE A 213 23.11 35.83 -20.42
C ILE A 213 23.74 35.51 -21.77
N ALA A 214 23.90 34.24 -22.06
CA ALA A 214 24.49 33.83 -23.34
C ALA A 214 23.65 34.27 -24.53
N GLU A 215 22.31 34.13 -24.44
CA GLU A 215 21.46 34.54 -25.55
C GLU A 215 21.56 36.03 -25.82
N ALA A 216 21.56 36.84 -24.75
CA ALA A 216 21.70 38.28 -24.94
C ALA A 216 23.06 38.65 -25.54
N ALA A 217 24.14 38.11 -24.97
CA ALA A 217 25.48 38.39 -25.46
C ALA A 217 25.64 38.01 -26.93
N PHE A 218 25.07 36.88 -27.35
CA PHE A 218 25.19 36.52 -28.76
C PHE A 218 24.35 37.42 -29.62
N ASN A 219 23.12 37.71 -29.21
CA ASN A 219 22.24 38.48 -30.07
C ASN A 219 22.58 39.96 -30.07
N LYS A 220 23.46 40.41 -29.19
CA LYS A 220 23.91 41.79 -29.21
C LYS A 220 25.26 41.95 -29.92
N GLY A 221 25.84 40.86 -30.43
CA GLY A 221 27.11 40.94 -31.11
C GLY A 221 28.33 40.94 -30.22
N GLU A 222 28.22 40.47 -28.99
CA GLU A 222 29.31 40.55 -28.04
C GLU A 222 30.12 39.27 -27.96
N THR A 223 29.58 38.16 -28.44
CA THR A 223 30.30 36.91 -28.40
C THR A 223 30.16 36.29 -29.78
N ALA A 224 31.24 35.65 -30.24
CA ALA A 224 31.29 35.18 -31.63
C ALA A 224 30.46 33.92 -31.83
N MET A 225 30.32 33.11 -30.78
CA MET A 225 29.67 31.80 -30.84
C MET A 225 28.73 31.58 -29.65
N THR A 226 27.74 30.73 -29.85
CA THR A 226 26.95 30.16 -28.74
C THR A 226 26.56 28.72 -29.13
N ILE A 227 25.94 28.01 -28.19
CA ILE A 227 25.49 26.64 -28.40
C ILE A 227 24.03 26.63 -28.00
N ASN A 228 23.14 26.30 -28.95
CA ASN A 228 21.71 26.40 -28.68
C ASN A 228 20.95 25.55 -29.69
N GLY A 229 19.63 25.46 -29.49
CA GLY A 229 18.78 24.65 -30.31
C GLY A 229 18.01 25.52 -31.28
N PRO A 230 17.19 24.88 -32.10
CA PRO A 230 16.43 25.62 -33.12
C PRO A 230 15.46 26.64 -32.57
N TRP A 231 14.92 26.43 -31.36
CA TRP A 231 14.01 27.43 -30.79
C TRP A 231 14.64 28.80 -30.67
N ALA A 232 15.96 28.87 -30.63
CA ALA A 232 16.63 30.13 -30.40
C ALA A 232 16.80 30.98 -31.65
N TRP A 233 16.47 30.46 -32.84
CA TRP A 233 16.81 31.16 -34.08
C TRP A 233 15.96 32.40 -34.30
N SER A 234 14.67 32.31 -33.98
CA SER A 234 13.72 33.44 -34.07
C SER A 234 14.29 34.71 -33.49
N ASN A 235 14.78 34.62 -32.26
CA ASN A 235 15.31 35.80 -31.63
C ASN A 235 16.58 36.30 -32.32
N ILE A 236 17.41 35.40 -32.88
CA ILE A 236 18.58 35.91 -33.61
C ILE A 236 18.13 36.54 -34.92
N ASP A 237 17.13 35.97 -35.59
CA ASP A 237 16.59 36.58 -36.80
C ASP A 237 16.15 38.02 -36.56
N THR A 238 15.54 38.31 -35.41
CA THR A 238 15.06 39.67 -35.19
C THR A 238 16.21 40.62 -34.91
N SER A 239 17.28 40.13 -34.29
CA SER A 239 18.42 40.99 -34.01
C SER A 239 19.12 41.38 -35.31
N ALA A 240 20.23 42.07 -35.14
CA ALA A 240 21.00 42.46 -36.30
C ALA A 240 22.06 41.43 -36.66
N VAL A 241 22.15 40.33 -35.91
CA VAL A 241 23.24 39.39 -36.14
C VAL A 241 22.98 38.52 -37.38
N ASN A 242 23.97 38.43 -38.25
CA ASN A 242 23.98 37.50 -39.37
C ASN A 242 24.73 36.26 -38.89
N TYR A 243 24.01 35.14 -38.78
CA TYR A 243 24.51 33.96 -38.09
C TYR A 243 24.53 32.78 -39.03
N GLY A 244 25.31 31.76 -38.68
CA GLY A 244 25.13 30.46 -39.29
C GLY A 244 25.00 29.42 -38.20
N VAL A 245 24.64 28.21 -38.62
CA VAL A 245 24.38 27.08 -37.72
C VAL A 245 25.17 25.92 -38.28
N THR A 246 26.02 25.30 -37.46
CA THR A 246 26.95 24.32 -38.01
C THR A 246 27.23 23.24 -37.00
N VAL A 247 28.09 22.29 -37.39
CA VAL A 247 28.41 21.16 -36.53
C VAL A 247 29.14 21.62 -35.29
N LEU A 248 28.86 20.98 -34.15
CA LEU A 248 29.59 21.26 -32.92
C LEU A 248 31.08 20.94 -33.10
N PRO A 249 31.95 21.60 -32.34
CA PRO A 249 33.39 21.27 -32.40
C PRO A 249 33.68 19.85 -31.95
N THR A 250 34.75 19.27 -32.51
CA THR A 250 35.25 18.02 -32.00
C THR A 250 36.07 18.26 -30.76
N PHE A 251 36.27 17.17 -30.03
CA PHE A 251 37.11 17.13 -28.84
C PHE A 251 37.99 15.89 -28.94
N LYS A 252 39.30 16.09 -28.82
CA LYS A 252 40.26 15.01 -29.04
C LYS A 252 39.95 14.25 -30.32
N GLY A 253 39.57 15.00 -31.36
CA GLY A 253 39.23 14.42 -32.67
C GLY A 253 37.89 13.72 -32.78
N GLN A 254 37.05 13.64 -31.65
CA GLN A 254 35.77 12.92 -31.68
C GLN A 254 34.63 13.91 -31.78
N PRO A 255 33.56 13.62 -32.54
CA PRO A 255 32.41 14.53 -32.57
C PRO A 255 31.89 14.80 -31.16
N SER A 256 31.49 16.04 -30.92
CA SER A 256 30.59 16.30 -29.78
C SER A 256 29.28 15.56 -30.03
N LYS A 257 28.72 14.96 -28.97
CA LYS A 257 27.64 13.98 -29.06
C LYS A 257 26.47 14.48 -28.23
N PRO A 258 25.64 15.35 -28.77
CA PRO A 258 24.49 15.84 -28.02
C PRO A 258 23.44 14.77 -27.79
N PHE A 259 22.73 14.94 -26.70
CA PHE A 259 21.55 14.13 -26.44
C PHE A 259 20.42 14.75 -27.24
N VAL A 260 19.83 13.95 -28.11
CA VAL A 260 18.80 14.43 -29.03
C VAL A 260 17.44 14.26 -28.36
N GLY A 261 16.65 15.33 -28.34
CA GLY A 261 15.28 15.28 -27.80
C GLY A 261 14.24 15.26 -28.92
N VAL A 262 13.20 14.46 -28.74
CA VAL A 262 12.02 14.58 -29.56
C VAL A 262 10.95 15.31 -28.75
N LEU A 263 10.64 16.55 -29.13
CA LEU A 263 9.49 17.27 -28.52
C LEU A 263 8.24 16.46 -28.77
N SER A 264 7.45 16.18 -27.71
CA SER A 264 6.41 15.15 -27.74
C SER A 264 5.24 15.68 -26.92
N ALA A 265 4.03 15.31 -27.31
CA ALA A 265 2.79 15.78 -26.67
C ALA A 265 2.10 14.56 -26.09
N GLY A 266 2.05 14.48 -24.76
CA GLY A 266 1.40 13.35 -24.11
C GLY A 266 0.03 13.78 -23.60
N ILE A 267 -0.90 12.83 -23.46
CA ILE A 267 -2.27 13.09 -23.02
C ILE A 267 -2.41 12.60 -21.59
N ASN A 268 -2.82 13.51 -20.67
CA ASN A 268 -2.96 13.15 -19.26
C ASN A 268 -3.94 11.98 -19.09
N ALA A 269 -3.54 10.96 -18.32
CA ALA A 269 -4.37 9.79 -18.05
C ALA A 269 -5.71 10.17 -17.42
N ALA A 270 -5.72 11.25 -16.65
CA ALA A 270 -6.90 11.74 -15.94
C ALA A 270 -7.75 12.68 -16.79
N SER A 271 -7.38 12.93 -18.03
CA SER A 271 -8.18 13.93 -18.75
C SER A 271 -9.52 13.34 -19.17
N PRO A 272 -10.63 14.06 -18.98
CA PRO A 272 -11.91 13.67 -19.59
C PRO A 272 -12.08 14.13 -21.03
N ASN A 273 -11.00 14.66 -21.63
CA ASN A 273 -11.04 15.21 -22.98
C ASN A 273 -10.10 14.46 -23.93
N LYS A 274 -9.89 13.16 -23.72
CA LYS A 274 -8.89 12.45 -24.50
C LYS A 274 -9.19 12.47 -26.00
N GLU A 275 -10.46 12.38 -26.38
CA GLU A 275 -10.80 12.36 -27.79
C GLU A 275 -10.61 13.73 -28.41
N LEU A 276 -10.97 14.80 -27.70
CA LEU A 276 -10.70 16.13 -28.23
C LEU A 276 -9.18 16.35 -28.38
N ALA A 277 -8.39 15.91 -27.39
CA ALA A 277 -6.93 16.08 -27.44
C ALA A 277 -6.35 15.32 -28.61
N LYS A 278 -6.82 14.08 -28.82
CA LYS A 278 -6.47 13.33 -30.01
C LYS A 278 -6.78 14.10 -31.27
N GLU A 279 -8.02 14.57 -31.42
CA GLU A 279 -8.37 15.34 -32.60
C GLU A 279 -7.51 16.58 -32.74
N PHE A 280 -7.28 17.33 -31.65
CA PHE A 280 -6.44 18.52 -31.76
C PHE A 280 -5.03 18.16 -32.24
N LEU A 281 -4.44 17.09 -31.71
CA LEU A 281 -3.04 16.77 -32.04
C LEU A 281 -2.90 16.21 -33.46
N GLU A 282 -3.76 15.27 -33.84
CA GLU A 282 -3.65 14.62 -35.14
C GLU A 282 -4.15 15.51 -36.28
N ASN A 283 -5.24 16.24 -36.08
CA ASN A 283 -5.89 16.94 -37.19
C ASN A 283 -5.61 18.42 -37.23
N TYR A 284 -5.08 18.99 -36.16
CA TYR A 284 -4.80 20.41 -36.22
C TYR A 284 -3.34 20.69 -36.05
N LEU A 285 -2.70 20.12 -35.02
CA LEU A 285 -1.29 20.41 -34.79
C LEU A 285 -0.40 19.71 -35.80
N LEU A 286 -0.55 18.40 -35.92
CA LEU A 286 0.36 17.62 -36.76
C LEU A 286 -0.11 17.68 -38.22
N THR A 287 -0.24 18.89 -38.71
CA THR A 287 -0.52 19.19 -40.10
C THR A 287 0.50 20.22 -40.54
N ASP A 288 0.59 20.41 -41.86
CA ASP A 288 1.47 21.44 -42.40
C ASP A 288 1.17 22.79 -41.78
N GLU A 289 -0.09 23.23 -41.83
CA GLU A 289 -0.46 24.54 -41.29
C GLU A 289 -0.21 24.63 -39.80
N GLY A 290 -0.49 23.55 -39.05
CA GLY A 290 -0.36 23.64 -37.63
C GLY A 290 1.08 23.77 -37.23
N LEU A 291 1.94 22.90 -37.78
CA LEU A 291 3.36 23.01 -37.45
C LEU A 291 3.98 24.30 -37.99
N GLU A 292 3.51 24.79 -39.15
CA GLU A 292 4.05 26.08 -39.65
C GLU A 292 3.73 27.19 -38.67
N ALA A 293 2.51 27.17 -38.10
CA ALA A 293 2.15 28.21 -37.14
C ALA A 293 3.09 28.22 -35.93
N VAL A 294 3.39 27.04 -35.39
CA VAL A 294 4.32 27.01 -34.25
C VAL A 294 5.71 27.42 -34.68
N ASN A 295 6.14 26.91 -35.84
CA ASN A 295 7.53 27.09 -36.28
C ASN A 295 7.85 28.55 -36.53
N LYS A 296 6.88 29.31 -37.06
CA LYS A 296 7.05 30.73 -37.29
C LYS A 296 7.27 31.51 -36.00
N ASP A 297 6.71 31.02 -34.90
CA ASP A 297 6.88 31.66 -33.60
C ASP A 297 8.29 31.37 -33.10
N LYS A 298 8.58 30.10 -32.75
CA LYS A 298 9.94 29.65 -32.48
C LYS A 298 10.19 28.37 -33.29
N PRO A 299 11.28 28.28 -34.05
CA PRO A 299 11.43 27.10 -34.91
C PRO A 299 11.53 25.81 -34.10
N LEU A 300 10.89 24.76 -34.64
CA LEU A 300 10.76 23.47 -33.99
C LEU A 300 11.97 22.59 -34.18
N GLY A 301 12.79 22.85 -35.21
CA GLY A 301 13.78 21.87 -35.62
C GLY A 301 13.29 20.99 -36.77
N ALA A 302 13.73 19.75 -36.83
CA ALA A 302 13.30 18.82 -37.87
C ALA A 302 12.01 18.14 -37.46
N VAL A 303 10.89 18.50 -38.08
CA VAL A 303 9.64 18.02 -37.55
C VAL A 303 9.43 16.54 -37.86
N ALA A 304 8.56 15.92 -37.05
CA ALA A 304 8.25 14.51 -37.24
C ALA A 304 7.35 14.28 -38.46
N LEU A 305 6.60 15.30 -38.90
CA LEU A 305 5.65 15.19 -40.02
C LEU A 305 6.41 15.24 -41.32
N LYS A 306 6.38 14.12 -42.06
CA LYS A 306 7.20 13.99 -43.27
C LYS A 306 6.91 15.08 -44.29
N SER A 307 5.63 15.39 -44.53
CA SER A 307 5.33 16.37 -45.57
C SER A 307 5.93 17.75 -45.26
N TYR A 308 5.90 18.17 -43.98
CA TYR A 308 6.49 19.46 -43.69
C TYR A 308 7.99 19.37 -43.61
N GLU A 309 8.53 18.26 -43.07
CA GLU A 309 9.96 18.13 -42.92
C GLU A 309 10.70 18.17 -44.26
N GLU A 310 10.05 17.74 -45.32
CA GLU A 310 10.67 17.77 -46.64
C GLU A 310 10.98 19.21 -47.08
N GLU A 311 10.10 20.17 -46.73
CA GLU A 311 10.38 21.57 -47.00
C GLU A 311 11.46 22.12 -46.06
N LEU A 312 11.36 21.82 -44.76
CA LEU A 312 12.38 22.30 -43.82
C LEU A 312 13.78 21.74 -44.10
N ALA A 313 13.89 20.49 -44.55
CA ALA A 313 15.17 19.86 -44.78
C ALA A 313 16.03 20.59 -45.84
N LYS A 314 15.46 21.54 -46.59
CA LYS A 314 16.23 22.34 -47.55
C LYS A 314 16.94 23.52 -46.88
N ASP A 315 16.63 23.79 -45.61
CA ASP A 315 17.28 24.86 -44.82
C ASP A 315 18.60 24.36 -44.27
N PRO A 316 19.73 25.01 -44.58
CA PRO A 316 21.01 24.53 -44.04
C PRO A 316 21.07 24.54 -42.52
N ARG A 317 20.27 25.37 -41.86
CA ARG A 317 20.21 25.32 -40.38
C ARG A 317 19.63 23.98 -39.91
N ILE A 318 18.64 23.47 -40.63
CA ILE A 318 18.04 22.18 -40.35
C ILE A 318 18.97 21.06 -40.75
N ALA A 319 19.67 21.23 -41.90
CA ALA A 319 20.74 20.29 -42.24
C ALA A 319 21.76 20.17 -41.14
N ALA A 320 22.14 21.31 -40.53
CA ALA A 320 23.12 21.25 -39.47
C ALA A 320 22.54 20.59 -38.23
N THR A 321 21.29 20.91 -37.90
CA THR A 321 20.66 20.30 -36.74
C THR A 321 20.65 18.79 -36.86
N MET A 322 20.33 18.27 -38.06
CA MET A 322 20.29 16.82 -38.27
C MET A 322 21.69 16.21 -38.32
N GLU A 323 22.67 16.96 -38.79
CA GLU A 323 24.03 16.46 -38.73
C GLU A 323 24.49 16.33 -37.29
N ASN A 324 24.22 17.34 -36.48
CA ASN A 324 24.55 17.17 -35.07
C ASN A 324 23.74 16.03 -34.45
N ALA A 325 22.46 15.88 -34.79
CA ALA A 325 21.65 14.81 -34.18
C ALA A 325 22.26 13.42 -34.46
N GLN A 326 22.67 13.21 -35.71
CA GLN A 326 23.26 11.93 -36.09
C GLN A 326 24.63 11.70 -35.46
N LYS A 327 25.32 12.74 -34.99
CA LYS A 327 26.55 12.53 -34.23
C LYS A 327 26.27 12.25 -32.76
N GLY A 328 25.06 12.53 -32.29
CA GLY A 328 24.74 12.22 -30.91
C GLY A 328 23.91 10.96 -30.75
N GLU A 329 23.07 10.96 -29.72
CA GLU A 329 22.24 9.78 -29.47
C GLU A 329 20.87 10.28 -29.02
N ILE A 330 19.83 9.64 -29.50
CA ILE A 330 18.48 9.88 -28.94
C ILE A 330 18.52 9.59 -27.44
N MET A 331 17.93 10.49 -26.65
CA MET A 331 17.85 10.23 -25.21
C MET A 331 17.09 8.93 -24.94
N PRO A 332 17.54 8.13 -23.98
CA PRO A 332 16.65 7.15 -23.36
C PRO A 332 15.40 7.85 -22.84
N ASN A 333 14.29 7.09 -22.78
CA ASN A 333 13.13 7.58 -22.02
C ASN A 333 12.89 6.83 -20.71
N ILE A 334 13.85 6.08 -20.20
CA ILE A 334 13.51 5.30 -19.02
C ILE A 334 13.23 6.21 -17.82
N PRO A 335 12.52 5.73 -16.81
CA PRO A 335 12.21 6.60 -15.64
C PRO A 335 13.47 7.13 -14.97
N GLN A 336 14.61 6.43 -15.08
CA GLN A 336 15.83 6.84 -14.43
C GLN A 336 16.55 8.01 -15.12
N MET A 337 16.04 8.54 -16.23
CA MET A 337 16.73 9.65 -16.89
C MET A 337 16.76 10.89 -16.00
N SER A 338 15.69 11.17 -15.23
CA SER A 338 15.79 12.35 -14.36
C SER A 338 16.91 12.20 -13.30
N ALA A 339 17.15 10.99 -12.78
CA ALA A 339 18.26 10.75 -11.84
C ALA A 339 19.60 11.08 -12.48
N PHE A 340 19.78 10.63 -13.71
CA PHE A 340 20.98 10.99 -14.45
C PHE A 340 21.12 12.51 -14.56
N TRP A 341 20.05 13.20 -14.97
CA TRP A 341 20.21 14.62 -15.27
C TRP A 341 20.47 15.44 -14.01
N TYR A 342 19.77 15.13 -12.91
CA TYR A 342 19.97 15.87 -11.67
C TYR A 342 21.41 15.71 -11.20
N ALA A 343 21.94 14.47 -11.24
CA ALA A 343 23.30 14.21 -10.79
C ALA A 343 24.32 14.93 -11.65
N VAL A 344 24.13 14.93 -12.97
CA VAL A 344 25.11 15.60 -13.82
C VAL A 344 25.03 17.10 -13.64
N ARG A 345 23.84 17.64 -13.45
CA ARG A 345 23.70 19.07 -13.26
C ARG A 345 24.53 19.54 -12.06
N THR A 346 24.45 18.81 -10.95
CA THR A 346 25.19 19.18 -9.73
C THR A 346 26.68 19.06 -9.96
N ALA A 347 27.10 18.01 -10.64
CA ALA A 347 28.51 17.83 -10.91
C ALA A 347 29.06 18.98 -11.75
N VAL A 348 28.35 19.41 -12.79
CA VAL A 348 28.93 20.44 -13.66
C VAL A 348 28.99 21.78 -12.92
N ILE A 349 27.97 22.08 -12.14
CA ILE A 349 27.94 23.34 -11.41
C ILE A 349 29.02 23.38 -10.36
N ASN A 350 29.24 22.25 -9.67
CA ASN A 350 30.21 22.22 -8.58
C ASN A 350 31.64 22.28 -9.12
N ALA A 351 31.89 21.61 -10.25
CA ALA A 351 33.23 21.67 -10.84
C ALA A 351 33.52 23.05 -11.40
N ALA A 352 32.53 23.65 -12.08
CA ALA A 352 32.72 24.93 -12.75
C ALA A 352 32.91 26.07 -11.76
N SER A 353 32.29 25.98 -10.59
CA SER A 353 32.39 27.02 -9.59
C SER A 353 33.61 26.84 -8.69
N GLY A 354 34.35 25.74 -8.84
CA GLY A 354 35.44 25.37 -7.97
C GLY A 354 35.03 24.77 -6.66
N ARG A 355 33.73 24.55 -6.44
CA ARG A 355 33.29 23.89 -5.22
C ARG A 355 33.93 22.51 -5.06
N GLN A 356 34.01 21.72 -6.11
CA GLN A 356 34.72 20.46 -6.07
C GLN A 356 35.67 20.36 -7.26
N THR A 357 36.60 19.43 -7.16
CA THR A 357 37.39 19.07 -8.31
C THR A 357 36.51 18.33 -9.31
N VAL A 358 37.05 18.15 -10.53
CA VAL A 358 36.35 17.38 -11.54
C VAL A 358 36.20 15.93 -11.11
N ASP A 359 37.31 15.31 -10.70
CA ASP A 359 37.29 13.92 -10.26
C ASP A 359 36.31 13.69 -9.13
N ALA A 360 36.24 14.60 -8.16
CA ALA A 360 35.32 14.39 -7.04
C ALA A 360 33.88 14.70 -7.43
N ALA A 361 33.65 15.78 -8.21
CA ALA A 361 32.32 16.06 -8.74
C ALA A 361 31.76 14.87 -9.52
N LEU A 362 32.57 14.31 -10.41
CA LEU A 362 32.06 13.24 -11.26
C LEU A 362 31.94 11.92 -10.50
N ALA A 363 32.84 11.66 -9.53
CA ALA A 363 32.72 10.47 -8.70
C ALA A 363 31.43 10.53 -7.89
N ALA A 364 31.10 11.70 -7.37
CA ALA A 364 29.84 11.86 -6.62
C ALA A 364 28.62 11.76 -7.54
N ALA A 365 28.74 12.24 -8.77
CA ALA A 365 27.60 12.19 -9.71
C ALA A 365 27.28 10.76 -10.08
N GLN A 366 28.32 9.93 -10.23
CA GLN A 366 28.09 8.53 -10.58
C GLN A 366 27.40 7.79 -9.44
N THR A 367 27.83 8.04 -8.20
CA THR A 367 27.22 7.41 -7.04
C THR A 367 25.79 7.89 -6.86
N ASN A 368 25.58 9.21 -6.95
CA ASN A 368 24.24 9.78 -6.82
C ASN A 368 23.29 9.23 -7.89
N ALA A 369 23.74 9.19 -9.14
CA ALA A 369 22.87 8.69 -10.23
C ALA A 369 22.55 7.21 -10.03
N ALA A 370 23.56 6.40 -9.72
CA ALA A 370 23.34 4.97 -9.55
C ALA A 370 22.41 4.71 -8.36
N ARG A 371 22.57 5.46 -7.29
CA ARG A 371 21.72 5.31 -6.13
C ARG A 371 20.30 5.71 -6.43
N ALA A 372 20.10 6.87 -7.10
CA ALA A 372 18.76 7.34 -7.40
C ALA A 372 18.08 6.43 -8.43
N ALA A 373 18.84 5.96 -9.40
CA ALA A 373 18.29 4.99 -10.37
C ALA A 373 17.84 3.70 -9.67
N ALA A 374 18.64 3.20 -8.71
CA ALA A 374 18.27 1.99 -8.00
C ALA A 374 17.04 2.21 -7.13
N LEU A 375 16.97 3.38 -6.49
CA LEU A 375 15.79 3.72 -5.70
C LEU A 375 14.53 3.71 -6.56
N CYS A 376 14.62 4.27 -7.76
CA CYS A 376 13.51 4.31 -8.69
C CYS A 376 13.01 2.89 -9.01
N ARG A 377 13.94 1.99 -9.35
CA ARG A 377 13.54 0.61 -9.66
C ARG A 377 13.00 -0.09 -8.43
N LEU A 378 13.66 0.05 -7.27
CA LEU A 378 13.19 -0.72 -6.11
C LEU A 378 11.83 -0.22 -5.64
N SER A 379 11.63 1.10 -5.65
CA SER A 379 10.30 1.66 -5.40
C SER A 379 9.21 1.08 -6.29
N THR A 380 9.45 1.06 -7.59
CA THR A 380 8.47 0.51 -8.52
C THR A 380 8.11 -0.90 -8.16
N TYR A 381 9.11 -1.72 -7.81
CA TYR A 381 8.82 -3.12 -7.47
C TYR A 381 8.06 -3.22 -6.15
N LEU A 382 8.42 -2.45 -5.12
CA LEU A 382 7.69 -2.55 -3.88
C LEU A 382 6.25 -2.05 -4.01
N GLU A 383 6.01 -1.12 -4.94
CA GLU A 383 4.63 -0.65 -5.18
C GLU A 383 3.75 -1.75 -5.75
N GLU A 384 4.36 -2.82 -6.29
CA GLU A 384 3.59 -3.97 -6.80
C GLU A 384 3.27 -4.98 -5.73
N LEU A 385 3.70 -4.77 -4.49
CA LEU A 385 3.29 -5.65 -3.42
C LEU A 385 1.92 -5.26 -2.87
N GLU A 386 1.09 -6.27 -2.59
CA GLU A 386 -0.15 -6.01 -1.86
C GLU A 386 0.22 -5.50 -0.49
N ALA A 387 -0.72 -4.79 0.14
CA ALA A 387 -0.39 -4.25 1.46
C ALA A 387 -0.07 -5.38 2.44
N VAL A 388 -0.75 -6.52 2.31
CA VAL A 388 -0.44 -7.63 3.20
C VAL A 388 0.93 -8.26 2.88
N GLU A 389 1.35 -8.25 1.61
CA GLU A 389 2.66 -8.77 1.26
C GLU A 389 3.79 -7.82 1.68
N LEU A 390 3.57 -6.51 1.62
CA LEU A 390 4.55 -5.56 2.14
C LEU A 390 4.77 -5.76 3.65
N LYS A 391 3.73 -6.10 4.40
CA LYS A 391 3.91 -6.39 5.83
C LYS A 391 4.80 -7.62 6.06
N LYS A 392 4.61 -8.69 5.27
CA LYS A 392 5.45 -9.86 5.41
C LYS A 392 6.89 -9.52 5.02
N PHE A 393 7.05 -8.73 3.95
CA PHE A 393 8.35 -8.25 3.50
C PHE A 393 9.11 -7.58 4.63
N LYS A 394 8.47 -6.64 5.33
CA LYS A 394 9.15 -5.95 6.43
C LYS A 394 9.66 -6.94 7.49
N LEU A 395 8.85 -7.92 7.89
CA LEU A 395 9.32 -8.90 8.87
C LEU A 395 10.57 -9.62 8.38
N TYR A 396 10.63 -9.95 7.09
CA TYR A 396 11.83 -10.59 6.56
C TYR A 396 13.03 -9.67 6.62
N LEU A 397 12.86 -8.39 6.26
CA LEU A 397 14.00 -7.50 6.23
C LEU A 397 14.35 -6.93 7.60
N GLY A 398 13.42 -6.99 8.57
CA GLY A 398 13.73 -6.62 9.94
C GLY A 398 14.81 -7.47 10.59
N THR A 399 15.08 -8.66 10.03
CA THR A 399 16.10 -9.56 10.52
C THR A 399 17.41 -9.45 9.73
N ALA A 400 17.45 -8.61 8.70
CA ALA A 400 18.63 -8.50 7.86
C ALA A 400 19.76 -7.78 8.60
N THR A 401 20.94 -8.42 8.62
CA THR A 401 22.10 -7.98 9.39
C THR A 401 23.09 -7.20 8.53
N GLU A 402 23.40 -5.97 8.95
CA GLU A 402 24.53 -5.20 8.41
C GLU A 402 24.65 -5.22 6.89
N GLU A 405 25.77 -0.82 10.23
CA GLU A 405 26.23 -1.71 11.29
C GLU A 405 25.02 -2.23 12.05
N GLY A 406 24.07 -1.33 12.34
CA GLY A 406 22.85 -1.73 13.01
C GLY A 406 21.78 -2.19 12.03
N LYS A 407 20.80 -2.93 12.54
CA LYS A 407 19.69 -3.42 11.75
C LYS A 407 18.77 -2.25 11.40
N ILE A 408 17.60 -2.55 10.85
CA ILE A 408 16.55 -1.56 10.64
C ILE A 408 15.51 -1.74 11.75
N PRO A 409 15.27 -0.73 12.58
CA PRO A 409 14.34 -0.91 13.71
C PRO A 409 12.90 -1.04 13.24
N TRP A 410 12.10 -1.75 14.04
CA TRP A 410 10.72 -2.02 13.67
C TRP A 410 9.92 -0.73 13.47
N GLY A 411 10.10 0.25 14.39
CA GLY A 411 9.39 1.51 14.25
C GLY A 411 9.69 2.25 12.95
N SER A 412 10.89 2.05 12.40
CA SER A 412 11.21 2.69 11.12
C SER A 412 10.36 2.12 10.00
N MET A 413 10.15 0.82 10.01
CA MET A 413 9.41 0.22 8.92
C MET A 413 7.93 0.17 9.13
N GLU A 414 7.49 0.31 10.39
CA GLU A 414 6.14 -0.08 10.73
C GLU A 414 5.10 0.60 9.84
N LYS A 415 5.18 1.92 9.71
CA LYS A 415 4.19 2.62 8.91
C LYS A 415 4.81 3.23 7.65
N ALA A 416 5.91 2.67 7.17
CA ALA A 416 6.55 3.14 5.95
C ALA A 416 5.87 2.50 4.74
N GLY A 417 5.53 3.35 3.74
CA GLY A 417 5.02 2.88 2.47
C GLY A 417 6.12 2.35 1.54
N PRO A 418 5.77 2.02 0.29
CA PRO A 418 6.79 1.41 -0.57
C PRO A 418 7.96 2.33 -0.85
N LEU A 419 7.75 3.62 -1.03
CA LEU A 419 8.87 4.50 -1.33
C LEU A 419 9.77 4.70 -0.12
N GLU A 420 9.19 4.90 1.05
CA GLU A 420 10.03 5.05 2.24
C GLU A 420 10.79 3.77 2.57
N MET A 421 10.16 2.61 2.35
CA MET A 421 10.86 1.34 2.50
C MET A 421 12.03 1.23 1.52
N ALA A 422 11.81 1.61 0.25
CA ALA A 422 12.91 1.57 -0.69
C ALA A 422 14.05 2.44 -0.20
N GLN A 423 13.72 3.60 0.35
CA GLN A 423 14.76 4.51 0.84
C GLN A 423 15.50 3.93 2.04
N LEU A 424 14.77 3.42 3.02
CA LEU A 424 15.39 2.78 4.17
C LEU A 424 16.37 1.68 3.74
N LEU A 425 15.93 0.76 2.87
CA LEU A 425 16.81 -0.32 2.41
C LEU A 425 18.05 0.21 1.73
N ILE A 426 17.88 1.22 0.88
CA ILE A 426 19.03 1.71 0.14
C ILE A 426 19.97 2.49 1.06
N THR A 427 19.41 3.34 1.92
CA THR A 427 20.25 4.05 2.89
C THR A 427 21.07 3.07 3.73
N HIS A 428 20.44 1.99 4.19
CA HIS A 428 21.05 1.06 5.14
C HIS A 428 22.00 0.05 4.49
N PHE A 429 21.64 -0.52 3.33
CA PHE A 429 22.40 -1.60 2.72
C PHE A 429 23.16 -1.19 1.47
N GLY A 430 22.92 0.00 0.91
CA GLY A 430 23.48 0.31 -0.40
C GLY A 430 22.66 -0.28 -1.53
N PRO A 431 22.77 0.28 -2.73
CA PRO A 431 21.85 -0.14 -3.81
C PRO A 431 21.97 -1.60 -4.17
N GLU A 432 23.19 -2.16 -4.24
CA GLU A 432 23.34 -3.51 -4.74
C GLU A 432 22.77 -4.54 -3.78
N GLU A 433 23.03 -4.37 -2.49
CA GLU A 433 22.50 -5.30 -1.50
C GLU A 433 21.01 -5.12 -1.25
N ALA A 434 20.54 -3.88 -1.24
CA ALA A 434 19.11 -3.62 -1.11
C ALA A 434 18.35 -4.42 -2.17
N TRP A 435 18.83 -4.42 -3.40
CA TRP A 435 18.10 -5.09 -4.47
C TRP A 435 18.16 -6.60 -4.33
N ARG A 436 19.32 -7.14 -3.89
CA ARG A 436 19.42 -8.58 -3.73
C ARG A 436 18.53 -9.06 -2.63
N LEU A 437 18.41 -8.28 -1.57
CA LEU A 437 17.55 -8.69 -0.48
C LEU A 437 16.09 -8.64 -0.90
N ALA A 438 15.72 -7.63 -1.66
CA ALA A 438 14.32 -7.51 -2.03
C ALA A 438 13.97 -8.61 -3.02
N LEU A 439 14.87 -8.90 -3.95
CA LEU A 439 14.62 -9.97 -4.92
C LEU A 439 14.38 -11.29 -4.21
N SER A 440 15.29 -11.67 -3.30
CA SER A 440 15.14 -12.94 -2.60
CA SER A 440 15.14 -12.93 -2.59
C SER A 440 13.86 -12.94 -1.77
N THR A 441 13.52 -11.80 -1.14
CA THR A 441 12.31 -11.76 -0.33
C THR A 441 11.04 -11.93 -1.16
N PHE A 442 11.03 -11.41 -2.40
CA PHE A 442 9.90 -11.66 -3.29
C PHE A 442 9.69 -13.16 -3.48
N GLU A 443 10.78 -13.91 -3.64
CA GLU A 443 10.64 -15.36 -3.80
C GLU A 443 10.04 -15.97 -2.54
N ARG A 444 10.51 -15.53 -1.36
CA ARG A 444 10.07 -16.07 -0.07
C ARG A 444 8.60 -15.79 0.22
N ILE A 445 8.10 -14.60 -0.11
CA ILE A 445 6.70 -14.26 0.18
C ILE A 445 5.79 -14.63 -1.00
N ASN A 446 6.30 -15.46 -1.93
CA ASN A 446 5.49 -16.06 -2.98
C ASN A 446 4.98 -15.02 -4.01
N ARG A 447 5.87 -14.15 -4.46
CA ARG A 447 5.64 -13.30 -5.63
C ARG A 447 6.73 -13.66 -6.64
N LYS A 448 6.68 -14.90 -7.12
CA LYS A 448 7.67 -15.32 -8.10
C LYS A 448 7.54 -14.54 -9.39
N ASP A 449 6.40 -13.90 -9.64
CA ASP A 449 6.32 -13.06 -10.84
C ASP A 449 7.26 -11.86 -10.71
N LEU A 450 7.24 -11.18 -9.56
CA LEU A 450 8.17 -10.06 -9.37
C LEU A 450 9.61 -10.54 -9.33
N TRP A 451 9.84 -11.67 -8.64
CA TRP A 451 11.16 -12.27 -8.58
C TRP A 451 11.69 -12.54 -9.99
N GLU A 452 10.90 -13.20 -10.84
CA GLU A 452 11.40 -13.51 -12.17
C GLU A 452 11.61 -12.26 -13.01
N ARG A 453 10.69 -11.30 -12.97
CA ARG A 453 10.90 -10.09 -13.74
CA ARG A 453 10.91 -10.10 -13.75
C ARG A 453 12.08 -9.29 -13.22
N GLY A 454 12.28 -9.26 -11.91
CA GLY A 454 13.43 -8.52 -11.39
C GLY A 454 14.74 -9.17 -11.76
N GLN A 455 14.81 -10.53 -11.71
CA GLN A 455 15.99 -11.25 -12.23
C GLN A 455 16.34 -10.82 -13.64
N ARG A 456 15.34 -10.62 -14.49
CA ARG A 456 15.58 -10.24 -15.87
C ARG A 456 16.11 -8.82 -16.03
N GLU A 457 15.91 -7.95 -15.05
CA GLU A 457 16.44 -6.60 -15.15
C GLU A 457 17.95 -6.57 -15.32
N ASP A 458 18.69 -7.37 -14.52
CA ASP A 458 20.14 -7.25 -14.50
C ASP A 458 20.85 -8.19 -15.47
N LEU A 459 20.14 -9.03 -16.19
CA LEU A 459 20.76 -9.88 -17.19
C LEU A 459 21.22 -9.04 -18.37
N VAL A 460 22.43 -9.30 -18.83
CA VAL A 460 23.02 -8.62 -19.99
C VAL A 460 23.46 -9.71 -20.98
N LYS B 2 10.81 -4.34 22.89
CA LYS B 2 10.94 -5.53 22.04
C LYS B 2 10.95 -6.80 22.90
N ILE B 3 10.50 -7.91 22.30
CA ILE B 3 10.48 -9.19 23.01
C ILE B 3 11.91 -9.67 23.22
N GLU B 4 12.27 -9.95 24.48
CA GLU B 4 13.57 -10.56 24.78
C GLU B 4 13.71 -11.92 24.12
N GLU B 5 14.91 -12.21 23.60
CA GLU B 5 15.21 -13.54 23.08
C GLU B 5 15.66 -14.45 24.21
N GLY B 6 15.40 -15.74 24.06
CA GLY B 6 15.74 -16.70 25.11
C GLY B 6 14.81 -16.71 26.32
N LYS B 7 13.67 -16.04 26.24
CA LYS B 7 12.68 -15.94 27.31
C LYS B 7 11.28 -16.07 26.69
N LEU B 8 10.33 -16.63 27.46
CA LEU B 8 8.94 -16.77 27.06
C LEU B 8 8.08 -15.93 27.99
N VAL B 9 7.34 -14.98 27.43
CA VAL B 9 6.27 -14.26 28.11
C VAL B 9 4.93 -14.76 27.57
N ILE B 10 4.00 -15.05 28.47
CA ILE B 10 2.73 -15.68 28.13
C ILE B 10 1.62 -14.84 28.71
N TRP B 11 0.61 -14.52 27.90
CA TRP B 11 -0.60 -13.84 28.35
C TRP B 11 -1.77 -14.82 28.34
N ILE B 12 -2.47 -14.91 29.48
CA ILE B 12 -3.67 -15.72 29.59
C ILE B 12 -4.69 -14.98 30.45
N ASN B 13 -5.97 -15.25 30.23
CA ASN B 13 -6.98 -14.49 30.98
C ASN B 13 -7.01 -14.87 32.47
N GLY B 14 -7.37 -13.88 33.31
CA GLY B 14 -7.37 -14.03 34.74
C GLY B 14 -8.35 -15.07 35.30
N ASP B 15 -9.30 -15.58 34.51
CA ASP B 15 -10.22 -16.61 35.01
C ASP B 15 -9.74 -18.01 34.71
N LYS B 16 -8.60 -18.18 34.04
CA LYS B 16 -8.10 -19.51 33.71
C LYS B 16 -7.08 -19.93 34.76
N GLY B 17 -6.57 -21.16 34.63
CA GLY B 17 -5.61 -21.66 35.59
C GLY B 17 -4.20 -21.12 35.41
N TYR B 18 -3.97 -19.85 35.69
CA TYR B 18 -2.66 -19.34 35.31
C TYR B 18 -1.58 -19.71 36.30
N ASN B 19 -1.92 -19.98 37.55
CA ASN B 19 -0.90 -20.47 38.46
C ASN B 19 -0.47 -21.85 38.01
N GLY B 20 -1.44 -22.70 37.69
CA GLY B 20 -1.13 -23.98 37.03
C GLY B 20 -0.22 -23.82 35.83
N LEU B 21 -0.56 -22.90 34.92
CA LEU B 21 0.29 -22.71 33.75
C LEU B 21 1.71 -22.32 34.16
N ALA B 22 1.86 -21.44 35.17
CA ALA B 22 3.18 -21.04 35.65
C ALA B 22 3.99 -22.22 36.17
N GLU B 23 3.32 -23.24 36.70
CA GLU B 23 4.01 -24.44 37.18
C GLU B 23 4.62 -25.21 36.02
N VAL B 24 3.88 -25.34 34.91
CA VAL B 24 4.47 -25.98 33.74
C VAL B 24 5.63 -25.13 33.23
N GLY B 25 5.54 -23.81 33.39
CA GLY B 25 6.63 -22.94 32.97
C GLY B 25 7.85 -23.08 33.86
N LYS B 26 7.65 -23.31 35.16
CA LYS B 26 8.77 -23.57 36.07
C LYS B 26 9.49 -24.86 35.70
N LYS B 27 8.75 -25.90 35.29
CA LYS B 27 9.44 -27.11 34.83
C LYS B 27 10.28 -26.83 33.58
N PHE B 28 9.70 -26.14 32.61
CA PHE B 28 10.40 -25.82 31.36
C PHE B 28 11.69 -25.06 31.64
N GLU B 29 11.65 -24.14 32.60
CA GLU B 29 12.81 -23.36 33.00
C GLU B 29 13.89 -24.23 33.66
N LYS B 30 13.49 -25.22 34.46
CA LYS B 30 14.47 -26.09 35.10
C LYS B 30 15.14 -26.99 34.07
N ASP B 31 14.35 -27.51 33.12
CA ASP B 31 14.84 -28.44 32.12
C ASP B 31 15.57 -27.78 30.96
N THR B 32 15.31 -26.51 30.68
CA THR B 32 15.94 -25.85 29.54
C THR B 32 16.71 -24.58 29.90
N GLY B 33 16.61 -24.10 31.14
CA GLY B 33 17.15 -22.80 31.49
C GLY B 33 16.36 -21.59 30.98
N ILE B 34 15.33 -21.80 30.17
CA ILE B 34 14.56 -20.71 29.57
C ILE B 34 13.53 -20.19 30.56
N LYS B 35 13.70 -18.94 30.99
CA LYS B 35 12.73 -18.34 31.91
C LYS B 35 11.38 -18.13 31.23
N VAL B 36 10.31 -18.55 31.92
CA VAL B 36 8.94 -18.41 31.44
C VAL B 36 8.18 -17.56 32.45
N THR B 37 7.54 -16.49 31.96
CA THR B 37 6.77 -15.60 32.81
C THR B 37 5.32 -15.61 32.32
N VAL B 38 4.40 -15.99 33.21
CA VAL B 38 2.97 -16.02 32.89
C VAL B 38 2.34 -14.77 33.47
N GLU B 39 1.54 -14.09 32.67
CA GLU B 39 0.91 -12.84 33.05
C GLU B 39 -0.55 -12.85 32.61
N HIS B 40 -1.40 -12.13 33.34
CA HIS B 40 -2.84 -12.12 33.07
C HIS B 40 -3.31 -10.68 33.02
N PRO B 41 -2.91 -9.94 31.99
CA PRO B 41 -3.27 -8.52 31.95
C PRO B 41 -4.76 -8.34 31.72
N ASP B 42 -5.29 -7.30 32.34
CA ASP B 42 -6.66 -6.91 32.03
C ASP B 42 -6.76 -6.54 30.56
N LYS B 43 -7.87 -6.93 29.92
CA LYS B 43 -8.17 -6.66 28.51
C LYS B 43 -7.04 -7.11 27.58
N LEU B 44 -6.49 -8.29 27.85
CA LEU B 44 -5.33 -8.73 27.06
C LEU B 44 -5.69 -8.94 25.61
N GLU B 45 -6.93 -9.32 25.36
CA GLU B 45 -7.34 -9.63 23.99
C GLU B 45 -7.51 -8.37 23.14
N GLU B 46 -7.66 -7.21 23.79
CA GLU B 46 -7.60 -5.89 23.16
C GLU B 46 -6.21 -5.29 23.14
N LYS B 47 -5.42 -5.47 24.22
CA LYS B 47 -4.05 -4.93 24.25
C LYS B 47 -3.17 -5.63 23.22
N PHE B 48 -3.33 -6.94 23.05
CA PHE B 48 -2.45 -7.68 22.16
C PHE B 48 -2.36 -7.12 20.75
N PRO B 49 -3.45 -6.89 20.00
CA PRO B 49 -3.27 -6.35 18.63
C PRO B 49 -2.58 -5.00 18.61
N GLN B 50 -2.85 -4.14 19.58
CA GLN B 50 -2.18 -2.86 19.62
C GLN B 50 -0.68 -3.02 19.86
N VAL B 51 -0.31 -3.77 20.89
CA VAL B 51 1.11 -3.90 21.17
C VAL B 51 1.79 -4.81 20.16
N ALA B 52 1.13 -5.86 19.66
CA ALA B 52 1.82 -6.70 18.67
C ALA B 52 2.13 -5.92 17.40
N ALA B 53 1.27 -4.97 17.02
CA ALA B 53 1.51 -4.15 15.84
C ALA B 53 2.80 -3.35 15.96
N THR B 54 3.21 -3.02 17.20
CA THR B 54 4.45 -2.33 17.52
C THR B 54 5.65 -3.28 17.54
N GLY B 55 5.41 -4.58 17.42
CA GLY B 55 6.48 -5.54 17.56
C GLY B 55 6.79 -5.93 18.99
N ASP B 56 5.91 -5.58 19.94
CA ASP B 56 6.03 -5.91 21.35
C ASP B 56 4.94 -6.90 21.79
N GLY B 57 4.69 -6.97 23.09
CA GLY B 57 3.75 -7.92 23.63
C GLY B 57 4.34 -9.27 23.97
N PRO B 58 3.49 -10.29 24.12
CA PRO B 58 3.96 -11.58 24.62
C PRO B 58 4.37 -12.51 23.49
N ASP B 59 5.15 -13.54 23.85
CA ASP B 59 5.49 -14.57 22.88
C ASP B 59 4.29 -15.43 22.53
N ILE B 60 3.48 -15.77 23.53
CA ILE B 60 2.32 -16.63 23.36
C ILE B 60 1.12 -15.93 23.99
N ILE B 61 -0.02 -15.96 23.31
CA ILE B 61 -1.27 -15.38 23.85
C ILE B 61 -2.36 -16.44 23.86
N PHE B 62 -3.02 -16.60 25.03
CA PHE B 62 -4.14 -17.51 25.21
C PHE B 62 -5.47 -16.74 25.13
N TRP B 63 -6.38 -17.20 24.28
CA TRP B 63 -7.74 -16.68 24.28
C TRP B 63 -8.56 -17.74 23.60
N ALA B 64 -9.88 -17.63 23.72
CA ALA B 64 -10.77 -18.48 22.92
C ALA B 64 -10.54 -18.20 21.44
N HIS B 65 -10.89 -19.17 20.61
CA HIS B 65 -10.46 -19.08 19.22
C HIS B 65 -11.12 -17.93 18.43
N ASP B 66 -12.27 -17.39 18.88
CA ASP B 66 -13.01 -16.46 18.04
C ASP B 66 -12.20 -15.22 17.71
N ARG B 67 -11.27 -14.83 18.58
CA ARG B 67 -10.50 -13.61 18.43
C ARG B 67 -9.33 -13.78 17.45
N PHE B 68 -8.96 -15.02 17.12
CA PHE B 68 -7.68 -15.30 16.46
C PHE B 68 -7.70 -14.98 14.97
N GLY B 69 -8.81 -15.30 14.28
CA GLY B 69 -8.93 -14.94 12.88
C GLY B 69 -8.69 -13.46 12.61
N GLY B 70 -9.13 -12.57 13.51
CA GLY B 70 -8.77 -11.18 13.37
C GLY B 70 -7.28 -10.96 13.53
N TYR B 71 -6.68 -11.57 14.55
CA TYR B 71 -5.23 -11.41 14.73
C TYR B 71 -4.50 -11.91 13.50
N ALA B 72 -4.98 -13.00 12.88
CA ALA B 72 -4.29 -13.58 11.75
C ALA B 72 -4.39 -12.68 10.53
N GLN B 73 -5.57 -12.11 10.27
CA GLN B 73 -5.74 -11.24 9.10
C GLN B 73 -4.88 -10.01 9.18
N SER B 74 -4.70 -9.48 10.37
CA SER B 74 -3.71 -8.46 10.59
C SER B 74 -2.28 -8.98 10.59
N GLY B 75 -2.07 -10.27 10.30
CA GLY B 75 -0.74 -10.87 10.34
C GLY B 75 0.01 -10.72 11.66
N LEU B 76 -0.71 -10.74 12.79
CA LEU B 76 -0.02 -10.68 14.08
C LEU B 76 0.37 -12.06 14.62
N LEU B 77 -0.01 -13.14 13.95
CA LEU B 77 0.24 -14.49 14.44
C LEU B 77 1.16 -15.26 13.50
N ALA B 78 2.07 -16.02 14.10
CA ALA B 78 2.92 -16.91 13.32
C ALA B 78 2.12 -18.15 12.95
N GLU B 79 2.20 -18.57 11.69
CA GLU B 79 1.57 -19.83 11.31
C GLU B 79 2.24 -20.97 12.06
N ILE B 80 1.43 -21.82 12.67
CA ILE B 80 1.98 -22.94 13.42
C ILE B 80 1.97 -24.15 12.51
N THR B 81 3.04 -24.93 12.55
CA THR B 81 3.25 -26.06 11.65
C THR B 81 3.66 -27.28 12.46
N PRO B 82 2.70 -27.97 13.09
CA PRO B 82 3.03 -29.19 13.82
C PRO B 82 3.06 -30.40 12.88
N ALA B 83 3.82 -31.40 13.29
CA ALA B 83 3.87 -32.66 12.56
C ALA B 83 2.51 -33.33 12.60
N ALA B 84 2.23 -34.18 11.59
CA ALA B 84 0.93 -34.83 11.55
C ALA B 84 0.78 -35.84 12.68
N ALA B 85 1.89 -36.33 13.24
CA ALA B 85 1.81 -37.20 14.40
C ALA B 85 1.30 -36.45 15.63
N PHE B 86 1.81 -35.23 15.85
CA PHE B 86 1.29 -34.38 16.93
C PHE B 86 -0.13 -33.94 16.66
N GLN B 87 -0.42 -33.55 15.41
CA GLN B 87 -1.79 -33.19 15.07
C GLN B 87 -2.75 -34.32 15.39
N ASP B 88 -2.28 -35.56 15.30
CA ASP B 88 -3.17 -36.70 15.52
C ASP B 88 -3.58 -36.85 16.98
N LYS B 89 -2.78 -36.33 17.91
CA LYS B 89 -3.07 -36.45 19.33
C LYS B 89 -4.20 -35.53 19.84
N LEU B 90 -4.64 -34.55 19.03
CA LEU B 90 -5.77 -33.68 19.34
C LEU B 90 -6.95 -34.02 18.42
N TYR B 91 -8.15 -33.63 18.86
CA TYR B 91 -9.33 -33.93 18.07
C TYR B 91 -9.34 -33.07 16.80
N PRO B 92 -9.83 -33.62 15.69
CA PRO B 92 -9.86 -32.83 14.44
C PRO B 92 -10.68 -31.55 14.54
N PHE B 93 -11.88 -31.64 15.14
CA PHE B 93 -12.70 -30.44 15.22
C PHE B 93 -12.02 -29.33 16.02
N THR B 94 -11.09 -29.65 16.94
CA THR B 94 -10.45 -28.51 17.58
C THR B 94 -9.40 -27.86 16.69
N TRP B 95 -8.77 -28.62 15.77
CA TRP B 95 -7.87 -27.99 14.82
C TRP B 95 -8.63 -27.06 13.88
N ASP B 96 -9.83 -27.46 13.45
CA ASP B 96 -10.65 -26.63 12.58
C ASP B 96 -10.87 -25.26 13.17
N ALA B 97 -11.07 -25.21 14.49
CA ALA B 97 -11.38 -23.97 15.19
C ALA B 97 -10.27 -22.96 15.02
N VAL B 98 -9.02 -23.43 14.88
CA VAL B 98 -7.86 -22.56 14.81
C VAL B 98 -7.30 -22.50 13.38
N ARG B 99 -8.07 -23.02 12.40
CA ARG B 99 -7.74 -22.90 10.99
C ARG B 99 -8.36 -21.62 10.45
N TYR B 100 -7.54 -20.78 9.81
CA TYR B 100 -8.03 -19.55 9.21
C TYR B 100 -7.43 -19.39 7.81
N ASN B 101 -8.27 -19.50 6.78
CA ASN B 101 -7.79 -19.38 5.39
C ASN B 101 -6.85 -20.55 5.06
N GLY B 102 -7.25 -21.75 5.48
CA GLY B 102 -6.52 -22.98 5.30
C GLY B 102 -5.24 -23.14 6.12
N LYS B 103 -4.84 -22.14 6.90
CA LYS B 103 -3.65 -22.24 7.73
C LYS B 103 -4.02 -22.28 9.21
N LEU B 104 -3.39 -23.19 9.98
CA LEU B 104 -3.46 -23.15 11.43
C LEU B 104 -2.69 -21.96 12.00
N ILE B 105 -3.35 -21.19 12.87
CA ILE B 105 -2.79 -19.99 13.48
C ILE B 105 -2.71 -20.07 15.00
N ALA B 106 -3.06 -21.22 15.59
CA ALA B 106 -2.82 -21.36 17.02
C ALA B 106 -2.95 -22.83 17.35
N TYR B 107 -2.51 -23.19 18.55
CA TYR B 107 -2.74 -24.53 19.09
C TYR B 107 -4.06 -24.53 19.88
N PRO B 108 -5.00 -25.42 19.60
CA PRO B 108 -6.16 -25.56 20.48
C PRO B 108 -5.78 -26.26 21.79
N ILE B 109 -6.44 -25.86 22.88
CA ILE B 109 -6.16 -26.44 24.19
C ILE B 109 -7.38 -27.14 24.76
N ALA B 110 -8.54 -26.47 24.77
CA ALA B 110 -9.66 -26.99 25.53
C ALA B 110 -10.95 -26.39 25.02
N VAL B 111 -12.03 -27.14 25.17
CA VAL B 111 -13.35 -26.79 24.66
C VAL B 111 -14.23 -26.39 25.82
N GLU B 112 -14.80 -25.19 25.75
CA GLU B 112 -15.62 -24.60 26.81
C GLU B 112 -17.04 -24.37 26.32
N ALA B 113 -18.02 -24.81 27.10
CA ALA B 113 -19.36 -24.35 26.87
C ALA B 113 -19.99 -24.02 28.22
N LEU B 114 -20.92 -23.08 28.22
CA LEU B 114 -21.71 -22.78 29.43
C LEU B 114 -22.68 -23.90 29.79
N SER B 115 -22.89 -24.12 31.10
CA SER B 115 -23.93 -25.01 31.60
C SER B 115 -24.73 -24.31 32.67
N LEU B 116 -25.85 -24.92 33.03
CA LEU B 116 -26.64 -24.50 34.19
C LEU B 116 -26.01 -25.16 35.41
N ILE B 117 -25.61 -24.36 36.39
CA ILE B 117 -25.11 -24.87 37.65
C ILE B 117 -26.17 -24.61 38.71
N TYR B 118 -26.47 -25.60 39.54
CA TYR B 118 -27.58 -25.44 40.46
C TYR B 118 -27.23 -26.05 41.81
N ASN B 119 -27.84 -25.48 42.85
CA ASN B 119 -27.59 -25.89 44.23
C ASN B 119 -28.62 -26.94 44.65
N LYS B 120 -28.19 -28.18 44.84
CA LYS B 120 -29.09 -29.31 45.09
C LYS B 120 -29.77 -29.23 46.46
N ASP B 121 -29.22 -28.45 47.39
CA ASP B 121 -29.94 -28.25 48.66
C ASP B 121 -31.06 -27.23 48.56
N LEU B 122 -31.11 -26.42 47.52
CA LEU B 122 -32.22 -25.51 47.27
C LEU B 122 -33.19 -26.03 46.22
N LEU B 123 -32.68 -26.73 45.20
CA LEU B 123 -33.47 -27.25 44.08
C LEU B 123 -32.98 -28.67 43.84
N PRO B 124 -33.51 -29.65 44.59
CA PRO B 124 -33.05 -31.04 44.38
C PRO B 124 -33.15 -31.46 42.91
N ASN B 125 -34.17 -30.99 42.19
CA ASN B 125 -34.32 -31.25 40.74
C ASN B 125 -34.20 -29.93 40.00
N PRO B 126 -33.28 -29.79 39.06
CA PRO B 126 -33.14 -28.52 38.36
C PRO B 126 -34.32 -28.27 37.42
N PRO B 127 -34.61 -27.00 37.09
CA PRO B 127 -35.64 -26.71 36.09
C PRO B 127 -35.20 -27.09 34.68
N LYS B 128 -36.21 -27.32 33.83
CA LYS B 128 -35.88 -27.66 32.44
C LYS B 128 -36.15 -26.51 31.44
N THR B 129 -36.89 -25.47 31.83
CA THR B 129 -37.31 -24.37 30.95
C THR B 129 -36.97 -23.01 31.55
N TRP B 130 -36.71 -22.02 30.67
CA TRP B 130 -36.63 -20.61 31.05
C TRP B 130 -37.99 -20.17 31.53
N GLU B 131 -39.03 -20.73 30.93
CA GLU B 131 -40.36 -20.21 31.22
C GLU B 131 -40.77 -20.40 32.67
N GLU B 132 -40.31 -21.45 33.34
CA GLU B 132 -40.72 -21.69 34.71
C GLU B 132 -39.88 -20.89 35.70
N ILE B 133 -38.88 -20.18 35.24
CA ILE B 133 -37.99 -19.54 36.22
C ILE B 133 -38.68 -18.41 36.99
N PRO B 134 -39.60 -17.59 36.42
CA PRO B 134 -40.31 -16.63 37.31
C PRO B 134 -41.02 -17.30 38.49
N ALA B 135 -41.67 -18.44 38.24
CA ALA B 135 -42.37 -19.14 39.30
C ALA B 135 -41.40 -19.69 40.30
N LEU B 136 -40.26 -20.17 39.82
CA LEU B 136 -39.26 -20.74 40.73
C LEU B 136 -38.69 -19.68 41.66
N ASP B 137 -38.48 -18.49 41.13
CA ASP B 137 -37.96 -17.37 41.92
C ASP B 137 -38.98 -16.95 42.98
N LYS B 138 -40.25 -16.94 42.62
CA LYS B 138 -41.28 -16.62 43.61
C LYS B 138 -41.28 -17.64 44.73
N GLU B 139 -41.16 -18.93 44.39
CA GLU B 139 -41.09 -19.97 45.40
C GLU B 139 -39.90 -19.75 46.33
N LEU B 140 -38.72 -19.48 45.74
CA LEU B 140 -37.51 -19.39 46.52
C LEU B 140 -37.47 -18.14 47.35
N LYS B 141 -38.02 -17.05 46.82
CA LYS B 141 -37.94 -15.77 47.51
C LYS B 141 -38.78 -15.78 48.77
N ALA B 142 -39.79 -16.64 48.83
CA ALA B 142 -40.51 -16.79 50.07
C ALA B 142 -39.61 -17.30 51.18
N LYS B 143 -38.49 -17.94 50.84
CA LYS B 143 -37.46 -18.40 51.80
C LYS B 143 -36.17 -17.56 51.81
N GLY B 144 -36.18 -16.37 51.19
CA GLY B 144 -35.03 -15.49 51.25
C GLY B 144 -33.97 -15.75 50.19
N LYS B 145 -34.28 -16.55 49.16
CA LYS B 145 -33.32 -16.96 48.13
C LYS B 145 -33.81 -16.48 46.76
N SER B 146 -32.94 -16.47 45.76
CA SER B 146 -33.43 -16.14 44.44
C SER B 146 -33.21 -17.37 43.56
N ALA B 147 -33.87 -17.41 42.41
CA ALA B 147 -33.74 -18.58 41.55
C ALA B 147 -32.42 -18.58 40.78
N LEU B 148 -32.04 -17.45 40.19
CA LEU B 148 -31.00 -17.47 39.16
C LEU B 148 -30.24 -16.15 39.16
N MET B 149 -28.89 -16.24 39.17
CA MET B 149 -28.07 -15.07 38.94
C MET B 149 -26.92 -15.47 38.06
N PHE B 150 -26.64 -14.63 37.07
CA PHE B 150 -25.46 -14.86 36.26
C PHE B 150 -25.06 -13.54 35.64
N ASN B 151 -23.85 -13.52 35.10
CA ASN B 151 -23.29 -12.32 34.49
C ASN B 151 -24.15 -11.82 33.35
N LEU B 152 -24.77 -10.66 33.51
CA LEU B 152 -25.54 -10.05 32.43
C LEU B 152 -24.71 -9.02 31.66
N GLN B 153 -23.47 -8.75 32.06
CA GLN B 153 -22.67 -7.69 31.45
C GLN B 153 -21.89 -8.14 30.23
N GLU B 154 -21.73 -9.45 30.02
CA GLU B 154 -20.96 -9.98 28.91
C GLU B 154 -21.91 -10.81 28.05
N PRO B 155 -22.02 -10.53 26.75
CA PRO B 155 -23.04 -11.21 25.94
C PRO B 155 -22.79 -12.67 25.77
N TYR B 156 -21.60 -13.16 26.11
CA TYR B 156 -21.32 -14.59 26.09
C TYR B 156 -22.37 -15.33 26.90
N PHE B 157 -22.78 -14.73 28.01
CA PHE B 157 -23.68 -15.41 28.98
C PHE B 157 -25.13 -15.30 28.60
N THR B 158 -25.54 -14.22 27.88
CA THR B 158 -26.95 -14.09 27.54
C THR B 158 -27.25 -14.64 26.15
N TRP B 159 -26.24 -14.77 25.29
CA TRP B 159 -26.43 -15.31 23.96
C TRP B 159 -27.12 -16.67 23.89
N PRO B 160 -26.89 -17.63 24.78
CA PRO B 160 -27.59 -18.91 24.62
C PRO B 160 -29.09 -18.76 24.59
N LEU B 161 -29.63 -17.80 25.35
CA LEU B 161 -31.07 -17.56 25.35
C LEU B 161 -31.50 -16.79 24.12
N ILE B 162 -30.67 -15.86 23.69
CA ILE B 162 -31.00 -15.07 22.49
C ILE B 162 -31.01 -15.98 21.27
N ALA B 163 -30.08 -16.94 21.23
CA ALA B 163 -30.00 -17.83 20.09
C ALA B 163 -31.01 -18.96 20.14
N ALA B 164 -31.62 -19.24 21.31
CA ALA B 164 -32.39 -20.47 21.46
C ALA B 164 -33.48 -20.56 20.40
N ASP B 165 -34.20 -19.47 20.20
CA ASP B 165 -35.39 -19.46 19.35
C ASP B 165 -35.10 -18.91 17.96
N GLY B 166 -33.83 -18.68 17.63
CA GLY B 166 -33.51 -18.38 16.25
C GLY B 166 -32.56 -17.22 16.02
N GLY B 167 -32.05 -16.54 17.04
CA GLY B 167 -31.02 -15.52 16.80
C GLY B 167 -29.71 -16.14 16.33
N TYR B 168 -28.98 -15.42 15.48
CA TYR B 168 -27.70 -15.96 15.07
C TYR B 168 -26.78 -14.78 14.78
N ALA B 169 -25.48 -15.07 14.69
CA ALA B 169 -24.51 -14.02 14.43
C ALA B 169 -24.53 -13.65 12.94
N PHE B 170 -23.88 -14.45 12.14
CA PHE B 170 -23.85 -14.32 10.69
C PHE B 170 -24.31 -15.61 10.06
N LYS B 171 -25.24 -15.51 9.12
CA LYS B 171 -25.84 -16.70 8.53
C LYS B 171 -24.75 -17.61 7.97
N TYR B 172 -24.87 -18.91 8.25
CA TYR B 172 -23.94 -19.92 7.76
C TYR B 172 -24.66 -20.78 6.74
N ALA B 173 -23.99 -21.07 5.63
CA ALA B 173 -24.52 -21.87 4.54
C ALA B 173 -23.41 -22.04 3.51
N ALA B 174 -23.34 -23.24 2.92
CA ALA B 174 -22.32 -23.56 1.93
C ALA B 174 -20.90 -23.41 2.51
N GLY B 175 -20.74 -23.64 3.81
CA GLY B 175 -19.42 -23.68 4.41
C GLY B 175 -18.84 -22.34 4.82
N LYS B 176 -19.46 -21.22 4.46
CA LYS B 176 -18.97 -19.93 4.93
C LYS B 176 -20.14 -19.01 5.30
N TYR B 177 -19.78 -17.95 6.04
CA TYR B 177 -20.69 -16.97 6.61
C TYR B 177 -20.99 -15.83 5.64
N ASP B 178 -22.28 -15.43 5.57
CA ASP B 178 -22.73 -14.25 4.82
C ASP B 178 -22.84 -13.04 5.78
N ILE B 179 -21.83 -12.15 5.73
CA ILE B 179 -21.71 -11.08 6.70
C ILE B 179 -22.68 -9.95 6.46
N LYS B 180 -23.39 -9.99 5.34
CA LYS B 180 -24.51 -9.08 5.15
C LYS B 180 -25.77 -9.56 5.87
N ASP B 181 -25.82 -10.82 6.31
CA ASP B 181 -27.01 -11.42 6.92
C ASP B 181 -26.73 -11.59 8.42
N VAL B 182 -27.08 -10.60 9.22
CA VAL B 182 -26.83 -10.62 10.65
C VAL B 182 -28.15 -11.00 11.31
N GLY B 183 -28.11 -11.95 12.24
CA GLY B 183 -29.38 -12.42 12.83
C GLY B 183 -29.71 -11.98 14.24
N VAL B 184 -29.24 -10.80 14.66
CA VAL B 184 -29.49 -10.36 16.02
C VAL B 184 -30.82 -9.65 16.17
N ASP B 185 -31.56 -9.43 15.08
CA ASP B 185 -32.80 -8.65 15.13
C ASP B 185 -33.99 -9.39 14.51
N ASN B 186 -33.93 -10.71 14.41
CA ASN B 186 -35.05 -11.48 13.93
C ASN B 186 -35.99 -11.81 15.08
N ALA B 187 -37.07 -12.52 14.75
CA ALA B 187 -38.10 -12.78 15.74
C ALA B 187 -37.57 -13.60 16.91
N GLY B 188 -36.63 -14.53 16.66
CA GLY B 188 -36.16 -15.37 17.75
C GLY B 188 -35.26 -14.61 18.70
N ALA B 189 -34.35 -13.80 18.14
CA ALA B 189 -33.52 -12.96 18.98
C ALA B 189 -34.38 -12.04 19.84
N LYS B 190 -35.41 -11.42 19.23
CA LYS B 190 -36.26 -10.50 19.97
C LYS B 190 -37.02 -11.20 21.09
N ALA B 191 -37.55 -12.39 20.85
CA ALA B 191 -38.29 -13.11 21.91
C ALA B 191 -37.34 -13.49 23.05
N GLY B 192 -36.11 -13.88 22.72
CA GLY B 192 -35.20 -14.27 23.80
C GLY B 192 -34.81 -13.08 24.64
N LEU B 193 -34.46 -11.96 24.00
CA LEU B 193 -34.04 -10.81 24.80
C LEU B 193 -35.23 -10.21 25.52
N THR B 194 -36.41 -10.25 24.90
CA THR B 194 -37.62 -9.80 25.60
C THR B 194 -37.86 -10.64 26.85
N PHE B 195 -37.67 -11.94 26.77
CA PHE B 195 -37.86 -12.77 27.99
C PHE B 195 -36.87 -12.37 29.07
N LEU B 196 -35.61 -12.13 28.69
CA LEU B 196 -34.61 -11.69 29.67
C LEU B 196 -34.99 -10.33 30.30
N VAL B 197 -35.39 -9.33 29.49
CA VAL B 197 -35.71 -8.04 30.07
C VAL B 197 -36.98 -8.16 30.93
N ASP B 198 -37.90 -9.03 30.57
CA ASP B 198 -39.08 -9.27 31.43
C ASP B 198 -38.68 -9.88 32.77
N LEU B 199 -37.67 -10.78 32.79
CA LEU B 199 -37.18 -11.23 34.10
C LEU B 199 -36.74 -10.03 34.92
N ILE B 200 -36.10 -9.06 34.28
CA ILE B 200 -35.58 -7.93 35.05
C ILE B 200 -36.72 -6.98 35.45
N LYS B 201 -37.62 -6.67 34.52
CA LYS B 201 -38.79 -5.83 34.83
C LYS B 201 -39.60 -6.43 35.97
N ASN B 202 -39.80 -7.75 35.98
CA ASN B 202 -40.60 -8.38 37.03
C ASN B 202 -39.78 -8.72 38.28
N LYS B 203 -38.54 -8.22 38.38
CA LYS B 203 -37.70 -8.30 39.58
C LYS B 203 -37.21 -9.71 39.91
N HIS B 204 -37.06 -10.57 38.90
CA HIS B 204 -36.41 -11.87 39.05
C HIS B 204 -34.90 -11.80 38.80
N MET B 205 -34.42 -10.75 38.11
CA MET B 205 -32.99 -10.49 37.97
C MET B 205 -32.73 -8.98 38.02
N ASN B 206 -31.46 -8.65 38.18
CA ASN B 206 -31.02 -7.25 38.31
C ASN B 206 -30.06 -6.93 37.18
N ALA B 207 -30.32 -5.83 36.46
CA ALA B 207 -29.57 -5.52 35.25
C ALA B 207 -28.10 -5.29 35.54
N ASP B 208 -27.73 -4.94 36.77
CA ASP B 208 -26.32 -4.73 37.12
C ASP B 208 -25.57 -6.00 37.50
N THR B 209 -26.21 -7.15 37.57
CA THR B 209 -25.48 -8.33 38.03
C THR B 209 -24.35 -8.65 37.06
N ASP B 210 -23.16 -8.87 37.60
CA ASP B 210 -21.98 -9.19 36.80
C ASP B 210 -21.35 -10.48 37.32
N TYR B 211 -20.11 -10.77 36.86
CA TYR B 211 -19.52 -12.07 37.15
C TYR B 211 -19.32 -12.26 38.63
N SER B 212 -18.75 -11.25 39.32
CA SER B 212 -18.41 -11.48 40.72
C SER B 212 -19.66 -11.48 41.61
N ILE B 213 -20.66 -10.66 41.30
CA ILE B 213 -21.88 -10.64 42.08
C ILE B 213 -22.58 -12.00 42.01
N ALA B 214 -22.68 -12.55 40.80
CA ALA B 214 -23.39 -13.83 40.64
C ALA B 214 -22.61 -14.97 41.28
N GLU B 215 -21.28 -14.99 41.09
CA GLU B 215 -20.49 -16.04 41.70
C GLU B 215 -20.58 -16.00 43.22
N ALA B 216 -20.49 -14.81 43.82
CA ALA B 216 -20.60 -14.72 45.28
C ALA B 216 -21.95 -15.20 45.77
N ALA B 217 -23.03 -14.80 45.08
CA ALA B 217 -24.35 -15.18 45.56
C ALA B 217 -24.52 -16.69 45.46
N PHE B 218 -24.01 -17.30 44.38
CA PHE B 218 -24.16 -18.74 44.26
C PHE B 218 -23.28 -19.47 45.27
N ASN B 219 -22.03 -19.04 45.46
CA ASN B 219 -21.16 -19.77 46.36
C ASN B 219 -21.52 -19.55 47.83
N LYS B 220 -22.35 -18.55 48.18
CA LYS B 220 -22.87 -18.38 49.54
C LYS B 220 -24.22 -19.03 49.74
N GLY B 221 -24.80 -19.63 48.69
CA GLY B 221 -26.06 -20.30 48.92
C GLY B 221 -27.24 -19.37 48.92
N GLU B 222 -27.11 -18.20 48.30
CA GLU B 222 -28.21 -17.24 48.23
C GLU B 222 -29.07 -17.36 47.00
N THR B 223 -28.52 -17.91 45.92
CA THR B 223 -29.28 -18.10 44.70
C THR B 223 -29.17 -19.56 44.32
N ALA B 224 -30.24 -20.10 43.73
CA ALA B 224 -30.27 -21.55 43.50
C ALA B 224 -29.46 -21.96 42.27
N MET B 225 -29.20 -21.03 41.37
CA MET B 225 -28.68 -21.39 40.06
C MET B 225 -27.82 -20.28 39.52
N THR B 226 -26.82 -20.65 38.74
CA THR B 226 -26.05 -19.69 37.96
C THR B 226 -25.76 -20.33 36.59
N ILE B 227 -25.25 -19.54 35.66
CA ILE B 227 -24.79 -20.04 34.35
C ILE B 227 -23.31 -19.72 34.24
N ASN B 228 -22.48 -20.73 33.99
CA ASN B 228 -21.05 -20.46 34.02
C ASN B 228 -20.31 -21.60 33.36
N GLY B 229 -19.03 -21.38 33.15
CA GLY B 229 -18.22 -22.35 32.44
C GLY B 229 -17.37 -23.17 33.42
N PRO B 230 -16.58 -24.11 32.87
CA PRO B 230 -15.77 -25.01 33.72
C PRO B 230 -14.79 -24.30 34.62
N TRP B 231 -14.21 -23.17 34.20
CA TRP B 231 -13.26 -22.46 35.04
C TRP B 231 -13.83 -22.13 36.40
N ALA B 232 -15.15 -22.04 36.50
CA ALA B 232 -15.84 -21.64 37.73
C ALA B 232 -15.95 -22.75 38.76
N TRP B 233 -15.75 -24.01 38.36
CA TRP B 233 -16.04 -25.09 39.29
C TRP B 233 -15.11 -25.10 40.51
N SER B 234 -13.86 -24.67 40.36
CA SER B 234 -12.93 -24.71 41.48
C SER B 234 -13.40 -23.83 42.65
N ASN B 235 -13.85 -22.61 42.37
CA ASN B 235 -14.33 -21.79 43.48
C ASN B 235 -15.62 -22.36 44.09
N ILE B 236 -16.43 -23.09 43.33
CA ILE B 236 -17.60 -23.68 43.94
C ILE B 236 -17.18 -24.79 44.86
N ASP B 237 -16.17 -25.57 44.43
CA ASP B 237 -15.65 -26.66 45.26
C ASP B 237 -15.22 -26.16 46.63
N THR B 238 -14.48 -25.07 46.68
CA THR B 238 -14.08 -24.60 48.00
C THR B 238 -15.27 -24.13 48.83
N SER B 239 -16.30 -23.52 48.22
CA SER B 239 -17.51 -23.18 48.98
C SER B 239 -18.23 -24.43 49.50
N ALA B 240 -19.26 -24.25 50.31
CA ALA B 240 -19.86 -25.49 50.81
C ALA B 240 -20.76 -26.23 49.80
N VAL B 241 -20.95 -25.74 48.57
CA VAL B 241 -22.24 -25.95 47.92
C VAL B 241 -22.29 -27.36 47.33
N ASN B 242 -23.41 -28.03 47.51
CA ASN B 242 -23.67 -29.33 46.89
C ASN B 242 -24.32 -29.02 45.53
N TYR B 243 -23.51 -28.93 44.47
CA TYR B 243 -23.96 -28.42 43.17
C TYR B 243 -23.99 -29.53 42.12
N GLY B 244 -24.81 -29.31 41.11
CA GLY B 244 -24.84 -30.10 39.91
C GLY B 244 -24.62 -29.20 38.71
N VAL B 245 -24.23 -29.79 37.58
CA VAL B 245 -23.91 -29.08 36.33
C VAL B 245 -24.74 -29.81 35.27
N THR B 246 -25.65 -29.09 34.59
CA THR B 246 -26.63 -29.78 33.77
C THR B 246 -26.92 -28.97 32.50
N VAL B 247 -27.80 -29.50 31.65
CA VAL B 247 -28.16 -28.82 30.42
C VAL B 247 -28.83 -27.49 30.75
N LEU B 248 -28.48 -26.47 29.96
CA LEU B 248 -29.18 -25.19 30.06
C LEU B 248 -30.68 -25.36 29.84
N PRO B 249 -31.50 -24.52 30.43
CA PRO B 249 -32.94 -24.62 30.19
C PRO B 249 -33.31 -24.31 28.73
N THR B 250 -34.45 -24.87 28.31
CA THR B 250 -35.02 -24.58 27.00
C THR B 250 -35.85 -23.31 27.00
N PHE B 251 -36.11 -22.82 25.78
CA PHE B 251 -36.92 -21.63 25.62
C PHE B 251 -37.80 -21.83 24.39
N LYS B 252 -39.10 -21.70 24.57
CA LYS B 252 -40.08 -21.98 23.52
C LYS B 252 -39.86 -23.37 22.99
N GLY B 253 -39.52 -24.27 23.91
CA GLY B 253 -39.21 -25.64 23.57
C GLY B 253 -37.87 -25.88 22.91
N GLN B 254 -37.06 -24.82 22.63
CA GLN B 254 -35.78 -25.10 21.96
C GLN B 254 -34.62 -25.11 22.94
N PRO B 255 -33.59 -25.92 22.72
CA PRO B 255 -32.37 -25.81 23.55
C PRO B 255 -31.81 -24.40 23.54
N SER B 256 -31.28 -23.97 24.69
CA SER B 256 -30.38 -22.82 24.66
C SER B 256 -29.14 -23.21 23.85
N LYS B 257 -28.61 -22.26 23.09
CA LYS B 257 -27.53 -22.52 22.13
C LYS B 257 -26.29 -21.69 22.47
N PRO B 258 -25.43 -22.16 23.34
CA PRO B 258 -24.28 -21.34 23.72
C PRO B 258 -23.28 -21.30 22.58
N PHE B 259 -22.53 -20.21 22.52
CA PHE B 259 -21.42 -20.16 21.57
C PHE B 259 -20.28 -20.86 22.25
N VAL B 260 -19.70 -21.85 21.57
CA VAL B 260 -18.67 -22.73 22.15
C VAL B 260 -17.29 -22.15 21.82
N GLY B 261 -16.44 -21.98 22.82
CA GLY B 261 -15.08 -21.46 22.64
C GLY B 261 -14.05 -22.57 22.69
N VAL B 262 -13.00 -22.45 21.87
CA VAL B 262 -11.83 -23.35 22.00
C VAL B 262 -10.68 -22.50 22.52
N LEU B 263 -10.33 -22.70 23.77
CA LEU B 263 -9.22 -21.97 24.35
C LEU B 263 -7.98 -22.36 23.57
N SER B 264 -7.26 -21.35 23.06
CA SER B 264 -6.22 -21.58 22.07
C SER B 264 -4.99 -20.74 22.39
N ALA B 265 -3.84 -21.19 21.87
CA ALA B 265 -2.55 -20.59 22.18
C ALA B 265 -1.86 -20.25 20.87
N GLY B 266 -1.76 -18.97 20.58
CA GLY B 266 -1.15 -18.48 19.36
C GLY B 266 0.18 -17.82 19.65
N ILE B 267 1.06 -17.79 18.64
CA ILE B 267 2.42 -17.29 18.76
C ILE B 267 2.55 -15.98 18.01
N ASN B 268 2.99 -14.94 18.71
CA ASN B 268 3.21 -13.62 18.15
C ASN B 268 4.17 -13.71 16.96
N ALA B 269 3.81 -13.10 15.82
CA ALA B 269 4.71 -13.16 14.67
C ALA B 269 5.92 -12.27 14.87
N ALA B 270 5.91 -11.37 15.85
CA ALA B 270 7.05 -10.54 16.20
C ALA B 270 7.97 -11.23 17.21
N SER B 271 7.73 -12.49 17.50
CA SER B 271 8.53 -13.15 18.52
C SER B 271 9.78 -13.75 17.91
N PRO B 272 10.96 -13.46 18.47
CA PRO B 272 12.16 -14.20 18.10
C PRO B 272 12.27 -15.56 18.78
N ASN B 273 11.29 -15.96 19.59
CA ASN B 273 11.37 -17.23 20.31
C ASN B 273 10.41 -18.27 19.77
N LYS B 274 10.12 -18.24 18.47
CA LYS B 274 9.00 -19.04 17.98
C LYS B 274 9.25 -20.53 18.19
N GLU B 275 10.50 -20.98 18.04
CA GLU B 275 10.80 -22.40 18.26
C GLU B 275 10.81 -22.75 19.75
N LEU B 276 11.25 -21.83 20.61
CA LEU B 276 11.04 -21.98 22.03
C LEU B 276 9.54 -22.11 22.35
N ALA B 277 8.71 -21.18 21.85
CA ALA B 277 7.29 -21.23 22.17
C ALA B 277 6.66 -22.52 21.64
N LYS B 278 7.02 -22.92 20.41
CA LYS B 278 6.48 -24.18 19.89
C LYS B 278 6.88 -25.36 20.78
N GLU B 279 8.07 -25.31 21.39
CA GLU B 279 8.50 -26.46 22.18
C GLU B 279 7.81 -26.48 23.53
N PHE B 280 7.66 -25.30 24.15
CA PHE B 280 6.90 -25.23 25.40
C PHE B 280 5.44 -25.66 25.21
N LEU B 281 4.80 -25.25 24.10
CA LEU B 281 3.40 -25.60 23.90
C LEU B 281 3.22 -27.07 23.55
N GLU B 282 4.09 -27.62 22.72
CA GLU B 282 3.90 -28.97 22.20
C GLU B 282 4.40 -30.03 23.17
N ASN B 283 5.56 -29.81 23.78
CA ASN B 283 6.22 -30.88 24.56
C ASN B 283 5.98 -30.78 26.05
N TYR B 284 5.44 -29.67 26.53
CA TYR B 284 5.20 -29.40 27.93
C TYR B 284 3.74 -29.14 28.24
N LEU B 285 3.09 -28.19 27.54
CA LEU B 285 1.70 -27.87 27.89
C LEU B 285 0.74 -28.93 27.40
N LEU B 286 0.81 -29.26 26.13
CA LEU B 286 -0.17 -30.21 25.59
C LEU B 286 0.19 -31.66 25.88
N THR B 287 0.74 -31.90 27.06
CA THR B 287 0.95 -33.25 27.57
C THR B 287 -0.10 -33.56 28.62
N ASP B 288 -0.28 -34.86 28.92
CA ASP B 288 -1.22 -35.22 29.99
C ASP B 288 -0.88 -34.51 31.28
N GLU B 289 0.40 -34.45 31.62
CA GLU B 289 0.75 -33.80 32.89
C GLU B 289 0.71 -32.28 32.77
N GLY B 290 0.92 -31.73 31.58
CA GLY B 290 0.83 -30.29 31.39
C GLY B 290 -0.59 -29.77 31.57
N LEU B 291 -1.54 -30.35 30.83
CA LEU B 291 -2.95 -30.04 31.01
C LEU B 291 -3.41 -30.27 32.45
N GLU B 292 -2.94 -31.35 33.09
CA GLU B 292 -3.45 -31.64 34.43
C GLU B 292 -3.03 -30.53 35.40
N ALA B 293 -1.81 -30.04 35.27
CA ALA B 293 -1.39 -28.97 36.18
C ALA B 293 -2.24 -27.71 35.97
N VAL B 294 -2.69 -27.44 34.74
CA VAL B 294 -3.53 -26.25 34.59
C VAL B 294 -4.94 -26.53 35.10
N ASN B 295 -5.48 -27.69 34.70
CA ASN B 295 -6.82 -28.13 35.08
C ASN B 295 -6.97 -28.23 36.58
N LYS B 296 -5.91 -28.62 37.29
CA LYS B 296 -5.98 -28.66 38.76
C LYS B 296 -6.19 -27.27 39.35
N ASP B 297 -5.65 -26.25 38.69
CA ASP B 297 -5.84 -24.88 39.15
C ASP B 297 -7.26 -24.40 38.84
N LYS B 298 -7.63 -24.33 37.57
CA LYS B 298 -9.02 -24.06 37.18
C LYS B 298 -9.35 -25.05 36.07
N PRO B 299 -10.48 -25.74 36.15
CA PRO B 299 -10.79 -26.76 35.15
C PRO B 299 -10.90 -26.16 33.75
N LEU B 300 -10.29 -26.84 32.77
CA LEU B 300 -10.26 -26.36 31.38
C LEU B 300 -11.54 -26.65 30.62
N GLY B 301 -12.36 -27.55 31.12
CA GLY B 301 -13.44 -28.13 30.32
C GLY B 301 -13.03 -29.43 29.66
N ALA B 302 -13.53 -29.69 28.46
CA ALA B 302 -13.12 -30.84 27.65
C ALA B 302 -11.85 -30.50 26.88
N VAL B 303 -10.74 -31.22 27.13
CA VAL B 303 -9.48 -30.80 26.52
C VAL B 303 -9.34 -31.34 25.09
N ALA B 304 -8.48 -30.70 24.30
CA ALA B 304 -8.31 -31.09 22.91
C ALA B 304 -7.49 -32.36 22.77
N LEU B 305 -6.61 -32.61 23.75
CA LEU B 305 -5.69 -33.74 23.79
C LEU B 305 -6.44 -35.01 24.10
N LYS B 306 -6.55 -35.88 23.10
CA LYS B 306 -7.41 -37.05 23.23
C LYS B 306 -7.03 -37.93 24.42
N SER B 307 -5.72 -38.07 24.73
CA SER B 307 -5.35 -38.97 25.82
C SER B 307 -5.94 -38.53 27.15
N TYR B 308 -6.00 -37.22 27.39
CA TYR B 308 -6.49 -36.72 28.67
C TYR B 308 -8.00 -36.61 28.66
N GLU B 309 -8.58 -36.21 27.53
CA GLU B 309 -10.02 -36.07 27.46
C GLU B 309 -10.71 -37.40 27.69
N GLU B 310 -10.01 -38.52 27.44
CA GLU B 310 -10.63 -39.81 27.72
C GLU B 310 -10.83 -40.01 29.21
N GLU B 311 -9.97 -39.41 30.02
CA GLU B 311 -10.20 -39.43 31.46
C GLU B 311 -11.27 -38.40 31.86
N LEU B 312 -11.18 -37.17 31.33
CA LEU B 312 -12.13 -36.11 31.76
C LEU B 312 -13.56 -36.47 31.40
N ALA B 313 -13.77 -37.13 30.26
CA ALA B 313 -15.08 -37.47 29.74
C ALA B 313 -15.93 -38.30 30.69
N LYS B 314 -15.35 -38.94 31.70
CA LYS B 314 -16.22 -39.69 32.59
C LYS B 314 -16.71 -38.88 33.78
N ASP B 315 -16.22 -37.66 33.97
CA ASP B 315 -16.80 -36.70 34.93
C ASP B 315 -18.17 -36.24 34.45
N PRO B 316 -19.24 -36.41 35.25
CA PRO B 316 -20.56 -35.98 34.78
C PRO B 316 -20.63 -34.49 34.40
N ARG B 317 -19.84 -33.62 35.08
CA ARG B 317 -19.83 -32.21 34.73
C ARG B 317 -19.30 -31.98 33.32
N ILE B 318 -18.28 -32.75 32.94
CA ILE B 318 -17.72 -32.62 31.59
C ILE B 318 -18.71 -33.17 30.58
N ALA B 319 -19.47 -34.19 30.94
CA ALA B 319 -20.51 -34.70 30.04
C ALA B 319 -21.59 -33.65 29.80
N ALA B 320 -21.97 -32.91 30.84
CA ALA B 320 -22.97 -31.87 30.66
C ALA B 320 -22.38 -30.72 29.84
N THR B 321 -21.09 -30.39 30.04
CA THR B 321 -20.42 -29.40 29.21
C THR B 321 -20.55 -29.76 27.74
N MET B 322 -20.12 -30.97 27.38
CA MET B 322 -20.23 -31.39 26.00
C MET B 322 -21.67 -31.51 25.54
N GLU B 323 -22.62 -31.85 26.40
CA GLU B 323 -24.00 -31.87 25.93
C GLU B 323 -24.51 -30.47 25.57
N ASN B 324 -24.16 -29.45 26.38
CA ASN B 324 -24.53 -28.07 26.01
C ASN B 324 -23.78 -27.66 24.75
N ALA B 325 -22.51 -28.09 24.61
CA ALA B 325 -21.73 -27.72 23.43
C ALA B 325 -22.36 -28.29 22.16
N GLN B 326 -22.82 -29.54 22.24
CA GLN B 326 -23.55 -30.13 21.12
C GLN B 326 -24.82 -29.36 20.80
N LYS B 327 -25.46 -28.76 21.80
CA LYS B 327 -26.68 -28.06 21.47
C LYS B 327 -26.43 -26.63 20.95
N GLY B 328 -25.20 -26.14 21.08
CA GLY B 328 -24.81 -24.81 20.63
C GLY B 328 -24.04 -24.86 19.33
N GLU B 329 -23.22 -23.83 19.11
CA GLU B 329 -22.43 -23.78 17.88
C GLU B 329 -21.00 -23.36 18.18
N ILE B 330 -20.04 -23.92 17.45
CA ILE B 330 -18.67 -23.42 17.54
C ILE B 330 -18.67 -21.99 17.04
N MET B 331 -17.95 -21.12 17.72
CA MET B 331 -17.92 -19.74 17.25
C MET B 331 -17.18 -19.65 15.92
N PRO B 332 -17.64 -18.77 15.00
CA PRO B 332 -16.79 -18.36 13.88
C PRO B 332 -15.49 -17.80 14.38
N ASN B 333 -14.44 -17.89 13.56
CA ASN B 333 -13.22 -17.20 13.95
C ASN B 333 -12.95 -15.99 13.04
N ILE B 334 -13.84 -15.72 12.07
CA ILE B 334 -13.74 -14.54 11.18
C ILE B 334 -13.48 -13.22 11.92
N PRO B 335 -12.79 -12.26 11.28
CA PRO B 335 -12.45 -10.99 11.96
C PRO B 335 -13.67 -10.21 12.42
N GLN B 336 -14.81 -10.50 11.82
CA GLN B 336 -16.05 -9.78 12.05
C GLN B 336 -16.68 -10.14 13.40
N MET B 337 -16.17 -11.16 14.08
CA MET B 337 -16.77 -11.59 15.35
C MET B 337 -16.65 -10.51 16.42
N SER B 338 -15.53 -9.81 16.44
CA SER B 338 -15.26 -8.79 17.44
C SER B 338 -16.34 -7.73 17.47
N ALA B 339 -16.78 -7.33 16.28
CA ALA B 339 -17.84 -6.34 16.10
C ALA B 339 -19.22 -6.89 16.41
N PHE B 340 -19.47 -8.15 16.06
CA PHE B 340 -20.70 -8.80 16.51
C PHE B 340 -20.80 -8.72 18.04
N TRP B 341 -19.77 -9.21 18.76
CA TRP B 341 -19.84 -9.21 20.22
C TRP B 341 -20.05 -7.81 20.80
N TYR B 342 -19.37 -6.80 20.27
CA TYR B 342 -19.52 -5.44 20.80
C TYR B 342 -20.92 -4.89 20.58
N ALA B 343 -21.48 -5.16 19.40
CA ALA B 343 -22.85 -4.74 19.07
C ALA B 343 -23.86 -5.39 20.01
N VAL B 344 -23.71 -6.68 20.26
CA VAL B 344 -24.66 -7.37 21.15
C VAL B 344 -24.46 -6.93 22.59
N ARG B 345 -23.23 -6.71 23.01
CA ARG B 345 -23.01 -6.26 24.37
C ARG B 345 -23.76 -4.98 24.63
N THR B 346 -23.64 -4.03 23.71
CA THR B 346 -24.40 -2.79 23.84
C THR B 346 -25.89 -3.04 23.84
N ALA B 347 -26.39 -3.89 22.94
CA ALA B 347 -27.82 -4.08 22.91
C ALA B 347 -28.36 -4.67 24.21
N VAL B 348 -27.65 -5.65 24.79
CA VAL B 348 -28.18 -6.27 26.00
C VAL B 348 -28.14 -5.31 27.17
N ILE B 349 -27.07 -4.54 27.27
CA ILE B 349 -26.98 -3.58 28.36
C ILE B 349 -28.04 -2.49 28.21
N ASN B 350 -28.22 -1.95 27.00
CA ASN B 350 -29.23 -0.89 26.85
C ASN B 350 -30.65 -1.42 27.06
N ALA B 351 -30.92 -2.66 26.65
CA ALA B 351 -32.26 -3.18 26.83
C ALA B 351 -32.52 -3.54 28.29
N ALA B 352 -31.52 -4.16 28.95
CA ALA B 352 -31.67 -4.57 30.34
C ALA B 352 -31.79 -3.39 31.30
N SER B 353 -31.07 -2.28 31.02
CA SER B 353 -31.20 -1.09 31.85
C SER B 353 -32.45 -0.29 31.52
N GLY B 354 -33.15 -0.62 30.45
CA GLY B 354 -34.29 0.15 29.97
C GLY B 354 -33.94 1.43 29.23
N ARG B 355 -32.67 1.64 28.89
CA ARG B 355 -32.28 2.80 28.09
C ARG B 355 -32.94 2.75 26.71
N GLN B 356 -33.11 1.55 26.13
CA GLN B 356 -33.85 1.38 24.88
C GLN B 356 -34.82 0.22 25.03
N THR B 357 -35.88 0.25 24.23
CA THR B 357 -36.68 -0.94 24.11
C THR B 357 -35.85 -2.06 23.52
N VAL B 358 -36.38 -3.29 23.63
CA VAL B 358 -35.72 -4.45 23.04
C VAL B 358 -35.62 -4.29 21.54
N ASP B 359 -36.72 -3.90 20.89
CA ASP B 359 -36.75 -3.73 19.45
C ASP B 359 -35.77 -2.67 18.99
N ALA B 360 -35.69 -1.54 19.71
CA ALA B 360 -34.75 -0.48 19.33
C ALA B 360 -33.30 -0.93 19.54
N ALA B 361 -33.03 -1.59 20.67
CA ALA B 361 -31.69 -2.13 20.94
C ALA B 361 -31.26 -3.07 19.85
N LEU B 362 -32.09 -4.05 19.53
CA LEU B 362 -31.62 -5.02 18.57
C LEU B 362 -31.61 -4.44 17.15
N ALA B 363 -32.52 -3.52 16.81
CA ALA B 363 -32.44 -2.91 15.48
C ALA B 363 -31.14 -2.15 15.35
N ALA B 364 -30.73 -1.42 16.40
CA ALA B 364 -29.44 -0.74 16.34
C ALA B 364 -28.26 -1.72 16.31
N ALA B 365 -28.35 -2.82 17.06
CA ALA B 365 -27.30 -3.84 17.04
C ALA B 365 -27.11 -4.38 15.64
N GLN B 366 -28.22 -4.69 14.97
CA GLN B 366 -28.16 -5.22 13.63
C GLN B 366 -27.48 -4.22 12.71
N THR B 367 -27.92 -2.96 12.75
CA THR B 367 -27.33 -1.94 11.87
C THR B 367 -25.85 -1.76 12.19
N ASN B 368 -25.48 -1.64 13.47
CA ASN B 368 -24.08 -1.43 13.83
C ASN B 368 -23.23 -2.64 13.48
N ALA B 369 -23.74 -3.84 13.72
CA ALA B 369 -22.87 -4.99 13.44
C ALA B 369 -22.67 -5.16 11.93
N ALA B 370 -23.72 -4.89 11.14
CA ALA B 370 -23.57 -5.11 9.70
C ALA B 370 -22.64 -4.05 9.12
N ARG B 371 -22.71 -2.85 9.66
CA ARG B 371 -21.83 -1.75 9.23
C ARG B 371 -20.39 -2.07 9.57
N ALA B 372 -20.12 -2.49 10.81
CA ALA B 372 -18.75 -2.82 11.14
C ALA B 372 -18.31 -4.05 10.40
N ALA B 373 -19.23 -4.99 10.14
CA ALA B 373 -18.82 -6.15 9.36
C ALA B 373 -18.45 -5.75 7.92
N ALA B 374 -19.24 -4.89 7.28
CA ALA B 374 -18.91 -4.36 5.94
C ALA B 374 -17.56 -3.64 5.92
N LEU B 375 -17.31 -2.80 6.92
CA LEU B 375 -16.03 -2.11 7.05
C LEU B 375 -14.87 -3.06 7.11
N CYS B 376 -15.01 -4.12 7.91
CA CYS B 376 -13.95 -5.07 8.03
C CYS B 376 -13.71 -5.82 6.72
N ARG B 377 -14.79 -6.24 6.06
CA ARG B 377 -14.64 -6.95 4.81
C ARG B 377 -14.09 -6.01 3.74
N LEU B 378 -14.55 -4.75 3.68
CA LEU B 378 -13.98 -3.83 2.67
C LEU B 378 -12.47 -3.55 2.92
N SER B 379 -12.05 -3.31 4.18
CA SER B 379 -10.61 -3.18 4.45
C SER B 379 -9.87 -4.42 4.05
N THR B 380 -10.44 -5.59 4.34
CA THR B 380 -9.73 -6.81 3.95
C THR B 380 -9.48 -6.87 2.44
N TYR B 381 -10.47 -6.50 1.63
CA TYR B 381 -10.25 -6.52 0.18
C TYR B 381 -9.24 -5.45 -0.23
N LEU B 382 -9.30 -4.28 0.37
CA LEU B 382 -8.35 -3.23 -0.01
C LEU B 382 -6.93 -3.60 0.39
N GLU B 383 -6.75 -4.42 1.43
CA GLU B 383 -5.41 -4.93 1.79
C GLU B 383 -4.81 -5.82 0.72
N GLU B 384 -5.64 -6.46 -0.13
CA GLU B 384 -5.08 -7.32 -1.14
C GLU B 384 -4.71 -6.58 -2.42
N LEU B 385 -4.99 -5.27 -2.55
CA LEU B 385 -4.52 -4.52 -3.70
C LEU B 385 -3.03 -4.21 -3.59
N GLU B 386 -2.33 -4.36 -4.70
CA GLU B 386 -1.01 -3.76 -4.80
C GLU B 386 -1.10 -2.27 -4.50
N ALA B 387 -0.05 -1.73 -3.88
CA ALA B 387 -0.01 -0.29 -3.64
C ALA B 387 -0.31 0.52 -4.90
N VAL B 388 0.18 0.12 -6.07
CA VAL B 388 -0.13 0.89 -7.26
C VAL B 388 -1.59 0.70 -7.67
N GLU B 389 -2.18 -0.47 -7.38
CA GLU B 389 -3.61 -0.65 -7.69
C GLU B 389 -4.45 0.16 -6.74
N LEU B 390 -4.04 0.27 -5.48
CA LEU B 390 -4.75 1.15 -4.55
C LEU B 390 -4.74 2.58 -5.04
N LYS B 391 -3.61 3.06 -5.56
CA LYS B 391 -3.59 4.43 -6.05
C LYS B 391 -4.61 4.63 -7.17
N LYS B 392 -4.66 3.70 -8.15
CA LYS B 392 -5.66 3.85 -9.21
C LYS B 392 -7.09 3.73 -8.67
N PHE B 393 -7.31 2.87 -7.68
CA PHE B 393 -8.63 2.73 -7.06
C PHE B 393 -9.11 4.05 -6.48
N LYS B 394 -8.22 4.73 -5.73
CA LYS B 394 -8.57 6.04 -5.20
C LYS B 394 -8.93 7.04 -6.29
N LEU B 395 -8.21 6.98 -7.42
CA LEU B 395 -8.50 7.96 -8.48
C LEU B 395 -9.89 7.73 -9.07
N TYR B 396 -10.27 6.47 -9.27
CA TYR B 396 -11.63 6.22 -9.71
C TYR B 396 -12.64 6.65 -8.64
N LEU B 397 -12.39 6.29 -7.37
CA LEU B 397 -13.40 6.64 -6.34
C LEU B 397 -13.53 8.15 -6.20
N GLY B 398 -12.47 8.90 -6.52
CA GLY B 398 -12.57 10.35 -6.44
C GLY B 398 -13.48 10.96 -7.47
N THR B 399 -13.99 10.15 -8.42
CA THR B 399 -14.93 10.65 -9.40
C THR B 399 -16.34 10.18 -9.14
N ALA B 400 -16.57 9.44 -8.05
CA ALA B 400 -17.88 8.89 -7.78
C ALA B 400 -18.78 9.94 -7.17
N THR B 401 -19.97 10.11 -7.77
CA THR B 401 -20.97 11.11 -7.39
C THR B 401 -22.15 10.47 -6.64
N GLU B 402 -22.83 11.30 -5.85
CA GLU B 402 -24.05 10.89 -5.19
CA GLU B 402 -24.04 10.89 -5.14
C GLU B 402 -24.92 12.13 -5.06
N LEU B 403 -26.25 11.95 -5.24
CA LEU B 403 -27.18 13.06 -5.07
C LEU B 403 -27.03 13.62 -3.66
N GLY B 404 -26.91 14.93 -3.56
CA GLY B 404 -27.02 15.56 -2.26
C GLY B 404 -25.73 15.84 -1.58
N GLU B 405 -24.60 15.47 -2.20
CA GLU B 405 -23.29 15.76 -1.63
C GLU B 405 -22.30 15.85 -2.77
N GLY B 406 -21.06 16.16 -2.41
CA GLY B 406 -20.00 16.29 -3.38
C GLY B 406 -19.10 15.07 -3.34
N LYS B 407 -18.01 15.14 -4.11
CA LYS B 407 -17.05 14.04 -4.18
C LYS B 407 -16.16 13.98 -2.96
N ILE B 408 -15.54 12.83 -2.77
CA ILE B 408 -14.51 12.74 -1.72
C ILE B 408 -13.27 13.52 -2.17
N PRO B 409 -12.72 14.44 -1.36
CA PRO B 409 -11.48 15.11 -1.76
C PRO B 409 -10.33 14.15 -1.94
N TRP B 410 -9.53 14.41 -2.99
CA TRP B 410 -8.34 13.60 -3.24
C TRP B 410 -7.43 13.55 -2.02
N GLY B 411 -7.26 14.71 -1.34
CA GLY B 411 -6.32 14.72 -0.21
C GLY B 411 -6.73 13.83 0.95
N SER B 412 -8.05 13.60 1.09
CA SER B 412 -8.55 12.73 2.15
C SER B 412 -8.24 11.27 1.89
N MET B 413 -8.07 10.91 0.64
CA MET B 413 -7.74 9.55 0.26
C MET B 413 -6.26 9.33 0.09
N GLU B 414 -5.52 10.40 -0.23
CA GLU B 414 -4.14 10.27 -0.66
C GLU B 414 -3.34 9.38 0.28
N LYS B 415 -3.42 9.68 1.57
CA LYS B 415 -2.62 8.94 2.54
C LYS B 415 -3.44 7.97 3.39
N ALA B 416 -4.65 7.63 2.96
CA ALA B 416 -5.41 6.60 3.66
C ALA B 416 -4.91 5.21 3.30
N GLY B 417 -4.67 4.38 4.32
CA GLY B 417 -4.45 2.97 4.10
C GLY B 417 -5.78 2.25 3.88
N PRO B 418 -5.72 0.92 3.73
CA PRO B 418 -6.94 0.11 3.55
C PRO B 418 -8.05 0.34 4.56
N LEU B 419 -7.73 0.34 5.85
CA LEU B 419 -8.77 0.51 6.86
C LEU B 419 -9.39 1.91 6.78
N GLU B 420 -8.56 2.94 6.68
CA GLU B 420 -9.11 4.29 6.64
C GLU B 420 -9.89 4.56 5.34
N MET B 421 -9.43 3.98 4.23
CA MET B 421 -10.17 4.07 2.98
C MET B 421 -11.54 3.42 3.09
N ALA B 422 -11.59 2.24 3.72
CA ALA B 422 -12.88 1.60 3.96
C ALA B 422 -13.78 2.48 4.79
N GLN B 423 -13.22 3.09 5.83
CA GLN B 423 -14.08 3.93 6.65
C GLN B 423 -14.56 5.13 5.86
N LEU B 424 -13.66 5.72 5.07
CA LEU B 424 -13.98 6.88 4.22
CA LEU B 424 -14.02 6.89 4.26
C LEU B 424 -15.17 6.59 3.31
N LEU B 425 -15.05 5.50 2.54
CA LEU B 425 -16.10 5.09 1.63
C LEU B 425 -17.41 4.83 2.34
N ILE B 426 -17.37 4.08 3.45
CA ILE B 426 -18.64 3.79 4.13
C ILE B 426 -19.29 5.06 4.67
N THR B 427 -18.50 5.94 5.26
CA THR B 427 -19.09 7.20 5.72
C THR B 427 -19.73 7.99 4.57
N HIS B 428 -19.03 8.07 3.43
CA HIS B 428 -19.53 8.94 2.35
C HIS B 428 -20.73 8.31 1.60
N PHE B 429 -20.68 6.99 1.41
CA PHE B 429 -21.68 6.33 0.56
C PHE B 429 -22.65 5.41 1.30
N GLY B 430 -22.35 4.98 2.52
CA GLY B 430 -23.16 3.94 3.12
C GLY B 430 -22.50 2.63 2.76
N PRO B 431 -22.75 1.57 3.54
CA PRO B 431 -22.04 0.31 3.33
C PRO B 431 -22.44 -0.38 2.02
N GLU B 432 -23.70 -0.35 1.65
CA GLU B 432 -24.08 -1.06 0.41
C GLU B 432 -23.46 -0.38 -0.84
N GLU B 433 -23.58 0.93 -0.95
CA GLU B 433 -23.03 1.62 -2.11
CA GLU B 433 -23.02 1.61 -2.12
C GLU B 433 -21.50 1.65 -2.09
N ALA B 434 -20.88 1.78 -0.90
CA ALA B 434 -19.42 1.66 -0.87
C ALA B 434 -18.96 0.35 -1.46
N TRP B 435 -19.62 -0.74 -1.07
CA TRP B 435 -19.25 -2.09 -1.54
C TRP B 435 -19.50 -2.25 -3.03
N ARG B 436 -20.59 -1.68 -3.54
CA ARG B 436 -20.86 -1.71 -4.98
C ARG B 436 -19.80 -0.94 -5.77
N LEU B 437 -19.43 0.25 -5.29
CA LEU B 437 -18.41 1.02 -5.99
C LEU B 437 -17.06 0.34 -5.88
N ALA B 438 -16.80 -0.39 -4.80
CA ALA B 438 -15.49 -1.04 -4.70
C ALA B 438 -15.41 -2.17 -5.69
N LEU B 439 -16.46 -3.00 -5.74
CA LEU B 439 -16.46 -4.11 -6.72
C LEU B 439 -16.30 -3.58 -8.14
N SER B 440 -17.10 -2.59 -8.50
CA SER B 440 -17.01 -2.00 -9.82
C SER B 440 -15.60 -1.54 -10.13
N THR B 441 -14.95 -0.86 -9.18
CA THR B 441 -13.60 -0.40 -9.39
C THR B 441 -12.59 -1.55 -9.47
N PHE B 442 -12.74 -2.63 -8.68
CA PHE B 442 -11.83 -3.77 -8.83
C PHE B 442 -11.84 -4.28 -10.25
N GLU B 443 -13.02 -4.23 -10.89
CA GLU B 443 -13.11 -4.68 -12.27
C GLU B 443 -12.34 -3.75 -13.20
N ARG B 444 -12.22 -2.48 -12.84
CA ARG B 444 -11.58 -1.53 -13.76
C ARG B 444 -10.09 -1.42 -13.56
N ILE B 445 -9.58 -1.92 -12.43
CA ILE B 445 -8.15 -1.92 -12.20
C ILE B 445 -7.56 -3.31 -12.36
N ASN B 446 -8.22 -4.17 -13.14
CA ASN B 446 -7.66 -5.50 -13.48
C ASN B 446 -7.52 -6.41 -12.25
N ARG B 447 -8.41 -6.30 -11.27
CA ARG B 447 -8.47 -7.27 -10.18
C ARG B 447 -9.80 -8.00 -10.29
N LYS B 448 -10.03 -8.61 -11.45
CA LYS B 448 -11.22 -9.43 -11.64
C LYS B 448 -11.30 -10.48 -10.57
N ASP B 449 -10.14 -10.94 -10.08
CA ASP B 449 -10.17 -11.98 -9.06
C ASP B 449 -10.94 -11.54 -7.83
N LEU B 450 -10.77 -10.26 -7.43
CA LEU B 450 -11.48 -9.77 -6.26
C LEU B 450 -12.98 -9.54 -6.54
N TRP B 451 -13.31 -8.98 -7.73
CA TRP B 451 -14.72 -8.87 -8.12
C TRP B 451 -15.41 -10.24 -8.02
N GLU B 452 -14.77 -11.28 -8.60
CA GLU B 452 -15.38 -12.62 -8.63
C GLU B 452 -15.59 -13.12 -7.22
N ARG B 453 -14.58 -12.95 -6.37
CA ARG B 453 -14.71 -13.47 -5.00
C ARG B 453 -15.80 -12.75 -4.26
N GLY B 454 -15.85 -11.42 -4.38
CA GLY B 454 -16.87 -10.67 -3.67
C GLY B 454 -18.26 -11.00 -4.15
N GLN B 455 -18.43 -11.15 -5.49
CA GLN B 455 -19.76 -11.54 -5.96
C GLN B 455 -20.11 -12.93 -5.47
N ARG B 456 -19.17 -13.86 -5.55
CA ARG B 456 -19.44 -15.25 -5.14
C ARG B 456 -19.81 -15.30 -3.66
N GLU B 457 -19.05 -14.60 -2.81
CA GLU B 457 -19.43 -14.53 -1.41
C GLU B 457 -20.82 -13.98 -1.22
N ASP B 458 -21.27 -13.08 -2.11
CA ASP B 458 -22.59 -12.49 -1.85
C ASP B 458 -23.75 -13.27 -2.46
N LEU B 459 -23.47 -14.28 -3.27
CA LEU B 459 -24.54 -15.01 -3.91
C LEU B 459 -25.47 -15.64 -2.87
N VAL B 460 -26.78 -15.43 -3.05
CA VAL B 460 -27.77 -15.90 -2.10
C VAL B 460 -28.20 -17.34 -2.36
N ARG B 461 -28.08 -17.82 -3.60
CA ARG B 461 -28.47 -19.17 -3.97
C ARG B 461 -27.28 -20.13 -4.02
C1 GLC C . 15.30 22.83 -24.33
C2 GLC C . 15.16 21.42 -24.81
C3 GLC C . 15.00 20.45 -23.69
C4 GLC C . 16.17 20.51 -22.78
C5 GLC C . 16.26 21.96 -22.15
C6 GLC C . 17.44 22.15 -21.33
O1 GLC C . 14.13 23.17 -23.64
O2 GLC C . 13.93 21.33 -25.63
O3 GLC C . 14.99 19.08 -24.21
O4 GLC C . 16.04 19.56 -21.72
O5 GLC C . 16.37 22.92 -23.35
O6 GLC C . 17.30 23.43 -20.67
C1 GLC C . 16.82 18.39 -21.68
C2 GLC C . 15.92 17.26 -21.24
C3 GLC C . 15.44 17.57 -19.87
C4 GLC C . 16.57 17.75 -18.86
C5 GLC C . 17.47 18.94 -19.34
C6 GLC C . 18.71 18.86 -18.64
O2 GLC C . 14.82 17.23 -22.16
O3 GLC C . 14.49 16.50 -19.42
O4 GLC C . 15.99 18.14 -17.59
O5 GLC C . 17.89 18.53 -20.75
O6 GLC C . 19.48 20.03 -18.87
C1 GLC C . 16.10 17.23 -16.57
C2 GLC C . 14.83 17.18 -15.77
C3 GLC C . 14.49 18.52 -15.20
C4 GLC C . 15.57 19.14 -14.35
C5 GLC C . 16.97 19.08 -15.04
C6 GLC C . 18.02 19.19 -14.10
O2 GLC C . 13.75 16.83 -16.71
O3 GLC C . 13.32 18.46 -14.37
O4 GLC C . 15.30 20.58 -14.17
O5 GLC C . 17.18 17.72 -15.70
O6 GLC C . 19.14 19.66 -14.85
C1 GLC C . 14.54 20.94 -13.04
C2 GLC C . 13.95 22.33 -13.15
C3 GLC C . 14.95 23.42 -12.98
C4 GLC C . 15.78 23.25 -11.76
C5 GLC C . 16.51 21.87 -11.79
C6 GLC C . 17.34 21.63 -10.69
O2 GLC C . 13.26 22.56 -14.43
O3 GLC C . 14.18 24.65 -12.97
O4 GLC C . 16.73 24.32 -11.62
O5 GLC C . 15.34 20.84 -11.81
O6 GLC C . 16.53 21.65 -9.51
C1 GLC D . -14.54 -16.94 29.34
C2 GLC D . -14.41 -17.62 28.03
C3 GLC D . -14.36 -16.67 26.87
C4 GLC D . -15.57 -15.70 26.94
C5 GLC D . -15.59 -14.91 28.23
C6 GLC D . -16.80 -14.14 28.40
O1 GLC D . -13.38 -16.19 29.59
O2 GLC D . -13.21 -18.48 28.16
O3 GLC D . -14.64 -17.55 25.76
O4 GLC D . -15.51 -14.71 25.89
O5 GLC D . -15.61 -15.97 29.36
O6 GLC D . -16.59 -13.30 29.50
C1 GLC D . -16.27 -15.01 24.74
C2 GLC D . -15.43 -14.67 23.52
C3 GLC D . -14.89 -13.29 23.57
C4 GLC D . -16.03 -12.32 23.51
C5 GLC D . -17.00 -12.57 24.76
C6 GLC D . -18.16 -11.76 24.73
O2 GLC D . -14.37 -15.64 23.54
O3 GLC D . -13.97 -13.09 22.41
O4 GLC D . -15.48 -11.04 23.86
O5 GLC D . -17.37 -14.06 24.83
O6 GLC D . -18.86 -11.89 26.01
C1 GLC D . -15.58 -10.12 22.83
C2 GLC D . -14.29 -9.39 22.61
C3 GLC D . -13.87 -8.66 23.82
C4 GLC D . -14.90 -7.67 24.28
C5 GLC D . -16.26 -8.36 24.48
C6 GLC D . -17.28 -7.41 24.74
O2 GLC D . -13.31 -10.38 22.15
O3 GLC D . -12.63 -7.95 23.57
O4 GLC D . -14.60 -7.25 25.65
O5 GLC D . -16.59 -9.08 23.18
O6 GLC D . -18.49 -8.08 25.02
C1 GLC D . -13.92 -6.02 25.79
C2 GLC D . -13.22 -6.00 27.13
C3 GLC D . -14.12 -5.74 28.28
C4 GLC D . -14.79 -4.43 28.10
C5 GLC D . -15.70 -4.44 26.83
C6 GLC D . -16.20 -3.15 26.63
O2 GLC D . -12.47 -7.24 27.39
O3 GLC D . -13.32 -5.76 29.50
O4 GLC D . -15.57 -4.04 29.26
O5 GLC D . -14.85 -4.87 25.59
O6 GLC D . -17.19 -3.22 25.60
S SO4 E . 0.84 3.21 -20.59
O1 SO4 E . 1.27 4.17 -19.56
O2 SO4 E . 2.07 2.60 -21.19
O3 SO4 E . -0.05 2.20 -20.01
O4 SO4 E . 0.05 3.92 -21.61
S SO4 F . 9.03 -22.53 -3.21
O1 SO4 F . 9.98 -21.44 -2.98
O2 SO4 F . 9.63 -23.51 -4.12
O3 SO4 F . 8.67 -23.14 -1.92
O4 SO4 F . 7.82 -21.96 -3.81
C1 EDO G . 18.81 10.23 -34.86
O1 EDO G . 18.76 10.95 -36.11
C2 EDO G . 20.09 10.47 -34.06
O2 EDO G . 21.11 9.45 -34.21
C1 EDO H . 22.73 5.99 -23.78
O1 EDO H . 22.63 6.30 -22.34
C2 EDO H . 22.07 6.96 -24.77
O2 EDO H . 20.89 6.47 -25.49
C1 EDO I . 5.31 5.51 -0.29
O1 EDO I . 5.45 5.91 1.08
C2 EDO I . 3.92 5.84 -0.77
O2 EDO I . 3.86 5.47 -2.15
C1 EDO J . -12.24 10.31 -23.60
O1 EDO J . -11.93 11.26 -22.56
C2 EDO J . -12.88 11.18 -24.69
O2 EDO J . -14.10 10.69 -25.30
S SO4 K . -10.02 17.98 -4.51
O1 SO4 K . -9.60 18.32 -5.86
O2 SO4 K . -9.03 17.06 -4.00
O3 SO4 K . -10.00 19.13 -3.58
O4 SO4 K . -11.37 17.39 -4.55
C1 EDO L . -5.53 2.26 7.20
O1 EDO L . -5.14 3.54 7.65
C2 EDO L . -4.49 1.25 7.66
O2 EDO L . -4.90 -0.01 7.14
C1 EDO M . -35.87 -2.49 31.95
O1 EDO M . -37.13 -2.21 31.31
C2 EDO M . -36.10 -2.79 33.43
O2 EDO M . -34.86 -2.62 34.17
C1 EDO N . -21.82 -27.95 17.68
O1 EDO N . -20.89 -28.79 18.38
C2 EDO N . -23.12 -28.66 17.31
O2 EDO N . -22.81 -29.75 16.43
C1 PEG O . -17.26 -13.14 48.53
O1 PEG O . -17.99 -14.34 48.68
C2 PEG O . -17.97 -11.95 49.16
O2 PEG O . -18.29 -12.20 50.52
C3 PEG O . -18.01 -11.16 51.41
C4 PEG O . -19.03 -11.07 52.55
O4 PEG O . -19.10 -12.20 53.41
C1 EDO P . -25.65 -33.57 36.26
O1 EDO P . -26.32 -33.52 34.96
C2 EDO P . -26.16 -32.50 37.23
O2 EDO P . -26.92 -33.07 38.28
C1 EDO Q . -30.17 -0.76 -3.58
O1 EDO Q . -30.07 -0.26 -4.96
C2 EDO Q . -30.22 -2.30 -3.53
O2 EDO Q . -31.32 -2.96 -2.88
#